data_6WYR
#
_entry.id   6WYR
#
_cell.length_a   65.870
_cell.length_b   71.720
_cell.length_c   106.180
_cell.angle_alpha   90.000
_cell.angle_beta   104.370
_cell.angle_gamma   90.000
#
_symmetry.space_group_name_H-M   'P 1 21 1'
#
loop_
_entity.id
_entity.type
_entity.pdbx_description
1 polymer 'MuSK1A light chain'
2 polymer 'MuSK1A heavy chain'
3 branched beta-D-mannopyranose-(1-4)-2-acetamido-2-deoxy-beta-D-glucopyranose-(1-4)-2-acetamido-2-deoxy-beta-D-glucopyranose
4 branched 2-acetamido-2-deoxy-beta-D-glucopyranose-(1-4)-2-acetamido-2-deoxy-beta-D-glucopyranose
5 non-polymer 1,2-ETHANEDIOL
6 water water
#
loop_
_entity_poly.entity_id
_entity_poly.type
_entity_poly.pdbx_seq_one_letter_code
_entity_poly.pdbx_strand_id
1 'polypeptide(L)'
;SYELTQPPSVSLSPGQTATITCSGDKLDDNYVCWYQQKPGQSPVLVIYQDTMRPSGIPERFSGSNSGNIATLTISGTQAV
DEADYYCQAWDGSTVVFGGGTRLTVLGQPKAAPSVFIFPPSDEQLKSGTASVVCLLNNFYPREAKVQWKVDNALQSGNSQ
ESVTEQDSKDSTYSLSSTLTLSKADYEKHKVYACEVTHQGLSSPVTKSFNRGEC
;
L,M
2 'polypeptide(L)'
;(PCA)VQLVQSGAEVKKPGASVKVSCKTSGYTFNNYDINWVRQAAGQGLEWMGWMNPYSGNTGYAQKFQGRVTMTRNISI
TTVYMELSSLRSEDTAVYYCAREVRGDTGYGGGSDYWGQGTLVTVSSASTKGPSVFPLAPSSKSTSGGTAALGCLVKDYF
PEPVTVSWNSGALTSGVHTFPAVLQSSGLYSLSSVVTVPSSSLGTQTYICNVNHKPSNTKVDKRVEPKSCHHHHHH
;
H,I
#
loop_
_chem_comp.id
_chem_comp.type
_chem_comp.name
_chem_comp.formula
BMA D-saccharide, beta linking beta-D-mannopyranose 'C6 H12 O6'
EDO non-polymer 1,2-ETHANEDIOL 'C2 H6 O2'
NAG D-saccharide, beta linking 2-acetamido-2-deoxy-beta-D-glucopyranose 'C8 H15 N O6'
#
# COMPACT_ATOMS: atom_id res chain seq x y z
N TYR A 2 8.51 28.19 -26.77
CA TYR A 2 7.59 29.02 -26.00
C TYR A 2 7.33 28.39 -24.63
N GLU A 3 7.58 29.16 -23.58
CA GLU A 3 7.43 28.69 -22.21
C GLU A 3 6.58 29.67 -21.42
N LEU A 4 5.84 29.14 -20.44
CA LEU A 4 5.01 29.93 -19.55
C LEU A 4 5.64 29.94 -18.17
N THR A 5 5.70 31.13 -17.56
CA THR A 5 6.36 31.32 -16.28
C THR A 5 5.31 31.54 -15.20
N GLN A 6 5.33 30.70 -14.17
CA GLN A 6 4.51 30.83 -12.99
C GLN A 6 5.40 31.02 -11.76
N PRO A 7 4.90 31.66 -10.71
CA PRO A 7 5.63 31.67 -9.45
C PRO A 7 5.68 30.28 -8.85
N PRO A 8 6.86 29.83 -8.40
CA PRO A 8 6.93 28.48 -7.83
C PRO A 8 6.00 28.27 -6.64
N SER A 9 5.75 29.31 -5.84
CA SER A 9 5.00 29.13 -4.61
CA SER A 9 5.00 29.13 -4.61
C SER A 9 4.22 30.40 -4.28
N VAL A 10 3.03 30.21 -3.72
CA VAL A 10 2.19 31.27 -3.21
C VAL A 10 1.69 30.84 -1.84
N SER A 11 1.85 31.69 -0.84
CA SER A 11 1.43 31.40 0.53
C SER A 11 0.58 32.54 1.04
N LEU A 12 -0.58 32.21 1.59
CA LEU A 12 -1.50 33.20 2.14
C LEU A 12 -2.21 32.58 3.33
N SER A 13 -3.11 33.37 3.93
CA SER A 13 -3.93 32.91 5.05
C SER A 13 -5.37 32.70 4.60
N PRO A 14 -6.12 31.83 5.28
CA PRO A 14 -7.50 31.58 4.85
C PRO A 14 -8.29 32.86 4.70
N GLY A 15 -9.22 32.86 3.74
CA GLY A 15 -10.05 34.02 3.49
C GLY A 15 -9.40 35.05 2.60
N GLN A 16 -8.08 35.11 2.58
CA GLN A 16 -7.38 36.03 1.69
C GLN A 16 -7.58 35.60 0.24
N THR A 17 -7.21 36.50 -0.68
CA THR A 17 -7.40 36.28 -2.11
C THR A 17 -6.09 35.85 -2.73
N ALA A 18 -6.07 34.67 -3.34
CA ALA A 18 -4.89 34.16 -4.01
C ALA A 18 -4.77 34.74 -5.40
N THR A 19 -3.56 35.17 -5.76
CA THR A 19 -3.25 35.66 -7.10
C THR A 19 -2.09 34.85 -7.65
N ILE A 20 -2.34 34.13 -8.75
CA ILE A 20 -1.35 33.28 -9.38
C ILE A 20 -1.20 33.74 -10.82
N THR A 21 0.00 34.19 -11.18
CA THR A 21 0.25 34.76 -12.50
C THR A 21 0.91 33.74 -13.42
N CYS A 22 0.86 34.06 -14.72
CA CYS A 22 1.35 33.16 -15.76
C CYS A 22 1.65 34.03 -16.98
N SER A 23 2.93 34.17 -17.33
CA SER A 23 3.36 35.10 -18.36
C SER A 23 3.93 34.34 -19.55
N GLY A 24 3.77 34.94 -20.73
CA GLY A 24 4.29 34.39 -21.97
C GLY A 24 4.16 35.36 -23.12
N ASP A 25 5.09 35.29 -24.08
CA ASP A 25 5.11 36.25 -25.17
C ASP A 25 3.80 36.25 -25.94
N LYS A 26 3.33 35.08 -26.35
CA LYS A 26 2.14 34.96 -27.19
C LYS A 26 0.89 34.58 -26.40
N LEU A 27 0.70 35.16 -25.22
CA LEU A 27 -0.49 34.83 -24.44
C LEU A 27 -1.74 35.51 -24.99
N ASP A 28 -1.68 36.83 -25.21
CA ASP A 28 -2.83 37.52 -25.79
C ASP A 28 -3.18 36.97 -27.17
N ASP A 29 -2.31 36.17 -27.78
CA ASP A 29 -2.65 35.49 -29.02
C ASP A 29 -3.58 34.31 -28.80
N ASN A 30 -3.50 33.64 -27.65
CA ASN A 30 -4.16 32.37 -27.44
C ASN A 30 -4.85 32.34 -26.09
N TYR A 31 -5.72 31.34 -25.91
CA TYR A 31 -6.45 31.18 -24.67
C TYR A 31 -5.63 30.43 -23.64
N VAL A 32 -5.90 30.72 -22.37
CA VAL A 32 -5.21 30.09 -21.25
C VAL A 32 -6.22 29.28 -20.45
N CYS A 33 -5.78 28.10 -19.99
CA CYS A 33 -6.54 27.25 -19.09
C CYS A 33 -5.75 27.07 -17.80
N TRP A 34 -6.46 26.75 -16.72
CA TRP A 34 -5.86 26.54 -15.42
C TRP A 34 -6.34 25.21 -14.85
N TYR A 35 -5.42 24.48 -14.21
CA TYR A 35 -5.71 23.17 -13.63
C TYR A 35 -5.31 23.15 -12.17
N GLN A 36 -6.10 22.44 -11.37
CA GLN A 36 -5.81 22.18 -9.97
C GLN A 36 -5.41 20.72 -9.82
N GLN A 37 -4.38 20.45 -9.03
CA GLN A 37 -3.92 19.09 -8.79
C GLN A 37 -3.56 18.92 -7.32
N LYS A 38 -4.22 18.00 -6.66
CA LYS A 38 -3.90 17.63 -5.29
C LYS A 38 -3.08 16.34 -5.27
N PRO A 39 -2.39 16.06 -4.18
CA PRO A 39 -1.48 14.90 -4.16
C PRO A 39 -2.21 13.60 -4.44
N GLY A 40 -1.61 12.79 -5.31
CA GLY A 40 -2.16 11.49 -5.64
C GLY A 40 -3.37 11.51 -6.55
N GLN A 41 -3.73 12.66 -7.11
CA GLN A 41 -4.91 12.80 -7.94
C GLN A 41 -4.54 13.36 -9.31
N SER A 42 -5.48 13.22 -10.25
CA SER A 42 -5.31 13.76 -11.58
C SER A 42 -5.66 15.26 -11.59
N PRO A 43 -5.11 16.02 -12.52
CA PRO A 43 -5.48 17.45 -12.61
C PRO A 43 -6.98 17.64 -12.81
N VAL A 44 -7.45 18.81 -12.39
CA VAL A 44 -8.84 19.22 -12.53
C VAL A 44 -8.87 20.58 -13.22
N LEU A 45 -9.64 20.70 -14.29
CA LEU A 45 -9.78 21.97 -14.99
C LEU A 45 -10.66 22.90 -14.16
N VAL A 46 -10.13 24.09 -13.86
CA VAL A 46 -10.88 25.09 -13.11
C VAL A 46 -11.20 26.33 -13.94
N ILE A 47 -10.36 26.68 -14.93
CA ILE A 47 -10.63 27.80 -15.82
C ILE A 47 -10.24 27.40 -17.23
N TYR A 48 -11.01 27.85 -18.22
CA TYR A 48 -10.68 27.66 -19.61
C TYR A 48 -11.06 28.91 -20.39
N GLN A 49 -10.41 29.10 -21.54
CA GLN A 49 -10.60 30.29 -22.38
C GLN A 49 -10.46 31.55 -21.56
N ASP A 50 -9.36 31.63 -20.80
CA ASP A 50 -8.98 32.82 -20.04
C ASP A 50 -9.83 33.01 -18.78
N THR A 51 -11.16 32.96 -18.93
CA THR A 51 -12.06 33.43 -17.88
C THR A 51 -13.21 32.49 -17.55
N MET A 52 -13.40 31.40 -18.28
CA MET A 52 -14.60 30.59 -18.15
C MET A 52 -14.42 29.51 -17.09
N ARG A 53 -15.44 29.35 -16.23
CA ARG A 53 -15.47 28.31 -15.22
C ARG A 53 -16.22 27.10 -15.75
N PRO A 54 -15.63 25.89 -15.74
CA PRO A 54 -16.41 24.70 -16.05
C PRO A 54 -17.52 24.50 -15.03
N SER A 55 -18.51 23.70 -15.43
CA SER A 55 -19.63 23.43 -14.53
C SER A 55 -19.13 22.66 -13.31
N GLY A 56 -19.61 23.07 -12.13
CA GLY A 56 -19.22 22.45 -10.89
C GLY A 56 -18.04 23.09 -10.20
N ILE A 57 -17.37 24.05 -10.83
CA ILE A 57 -16.24 24.75 -10.21
C ILE A 57 -16.78 25.93 -9.42
N PRO A 58 -16.38 26.12 -8.16
CA PRO A 58 -16.97 27.21 -7.37
C PRO A 58 -16.70 28.58 -7.98
N GLU A 59 -17.59 29.53 -7.67
CA GLU A 59 -17.51 30.86 -8.25
C GLU A 59 -16.31 31.65 -7.73
N ARG A 60 -15.68 31.22 -6.64
CA ARG A 60 -14.54 31.97 -6.12
C ARG A 60 -13.32 31.86 -7.02
N PHE A 61 -13.31 30.90 -7.95
CA PHE A 61 -12.26 30.80 -8.96
C PHE A 61 -12.61 31.71 -10.13
N SER A 62 -11.68 32.59 -10.50
CA SER A 62 -11.87 33.47 -11.65
C SER A 62 -10.54 33.58 -12.39
N GLY A 63 -10.63 34.00 -13.65
CA GLY A 63 -9.44 34.11 -14.48
C GLY A 63 -9.47 35.38 -15.30
N SER A 64 -8.28 35.78 -15.74
CA SER A 64 -8.12 36.93 -16.62
C SER A 64 -6.86 36.72 -17.44
N ASN A 65 -6.82 37.38 -18.61
CA ASN A 65 -5.66 37.28 -19.50
C ASN A 65 -5.57 38.57 -20.29
N SER A 66 -4.47 39.30 -20.10
CA SER A 66 -4.26 40.57 -20.78
C SER A 66 -2.83 41.01 -20.57
N GLY A 67 -2.26 41.67 -21.57
CA GLY A 67 -0.89 42.15 -21.47
C GLY A 67 0.12 41.03 -21.31
N ASN A 68 -0.08 39.92 -22.02
CA ASN A 68 0.81 38.76 -21.96
C ASN A 68 0.94 38.18 -20.56
N ILE A 69 -0.02 38.46 -19.68
CA ILE A 69 -0.04 37.89 -18.33
C ILE A 69 -1.44 37.35 -18.07
N ALA A 70 -1.53 36.05 -17.78
CA ALA A 70 -2.76 35.43 -17.34
C ALA A 70 -2.71 35.25 -15.82
N THR A 71 -3.85 35.47 -15.17
CA THR A 71 -3.94 35.41 -13.71
C THR A 71 -5.09 34.51 -13.29
N LEU A 72 -4.82 33.62 -12.34
CA LEU A 72 -5.85 32.87 -11.64
C LEU A 72 -6.07 33.53 -10.28
N THR A 73 -7.32 33.87 -9.98
CA THR A 73 -7.69 34.49 -8.71
C THR A 73 -8.63 33.58 -7.95
N ILE A 74 -8.38 33.42 -6.65
CA ILE A 74 -9.24 32.65 -5.76
C ILE A 74 -9.65 33.58 -4.62
N SER A 75 -10.92 33.93 -4.57
CA SER A 75 -11.45 34.73 -3.48
C SER A 75 -11.79 33.85 -2.29
N GLY A 76 -11.65 34.41 -1.10
CA GLY A 76 -11.94 33.68 0.13
C GLY A 76 -11.28 32.33 0.15
N THR A 77 -9.98 32.29 -0.07
CA THR A 77 -9.27 31.03 -0.17
C THR A 77 -9.48 30.18 1.08
N GLN A 78 -9.81 28.92 0.87
CA GLN A 78 -10.14 27.98 1.93
C GLN A 78 -9.11 26.84 1.96
N ALA A 79 -9.25 25.97 2.95
CA ALA A 79 -8.30 24.87 3.11
C ALA A 79 -8.33 23.94 1.90
N VAL A 80 -9.51 23.62 1.39
CA VAL A 80 -9.64 22.72 0.25
C VAL A 80 -8.97 23.26 -1.00
N ASP A 81 -8.59 24.54 -1.02
CA ASP A 81 -7.92 25.11 -2.18
C ASP A 81 -6.43 24.84 -2.21
N GLU A 82 -5.85 24.31 -1.13
CA GLU A 82 -4.43 23.95 -1.14
C GLU A 82 -4.16 22.91 -2.22
N ALA A 83 -3.29 23.25 -3.17
CA ALA A 83 -3.02 22.39 -4.31
C ALA A 83 -1.95 23.02 -5.17
N ASP A 84 -1.52 22.28 -6.19
CA ASP A 84 -0.69 22.82 -7.26
C ASP A 84 -1.59 23.31 -8.39
N TYR A 85 -1.29 24.48 -8.93
CA TYR A 85 -2.06 25.07 -10.02
C TYR A 85 -1.15 25.28 -11.22
N TYR A 86 -1.60 24.83 -12.39
CA TYR A 86 -0.85 24.93 -13.63
C TYR A 86 -1.64 25.74 -14.65
N CYS A 87 -0.97 26.69 -15.30
CA CYS A 87 -1.55 27.33 -16.47
C CYS A 87 -1.13 26.58 -17.73
N GLN A 88 -1.86 26.83 -18.82
CA GLN A 88 -1.66 26.07 -20.04
C GLN A 88 -2.22 26.86 -21.21
N ALA A 89 -1.51 26.81 -22.33
CA ALA A 89 -1.92 27.53 -23.53
C ALA A 89 -1.51 26.73 -24.76
N TRP A 90 -1.92 27.23 -25.92
CA TRP A 90 -1.52 26.69 -27.21
C TRP A 90 -0.75 27.77 -27.96
N ASP A 91 0.44 27.43 -28.45
CA ASP A 91 1.15 28.26 -29.41
C ASP A 91 1.03 27.55 -30.76
N GLY A 92 0.14 28.05 -31.61
CA GLY A 92 -0.18 27.38 -32.84
C GLY A 92 -0.70 25.97 -32.58
N SER A 93 0.17 24.98 -32.72
CA SER A 93 -0.21 23.58 -32.56
C SER A 93 0.05 23.05 -31.16
N THR A 94 1.24 23.32 -30.61
CA THR A 94 1.70 22.64 -29.41
C THR A 94 1.10 23.26 -28.14
N VAL A 95 0.84 22.40 -27.16
CA VAL A 95 0.39 22.84 -25.84
C VAL A 95 1.61 23.08 -24.97
N VAL A 96 1.57 24.16 -24.20
CA VAL A 96 2.61 24.52 -23.25
C VAL A 96 1.99 24.64 -21.87
N PHE A 97 2.66 24.07 -20.88
CA PHE A 97 2.26 24.21 -19.49
C PHE A 97 3.22 25.14 -18.77
N GLY A 98 2.70 25.92 -17.84
CA GLY A 98 3.55 26.60 -16.89
C GLY A 98 4.21 25.61 -15.96
N GLY A 99 5.23 26.10 -15.24
CA GLY A 99 5.95 25.24 -14.32
C GLY A 99 5.15 24.83 -13.09
N GLY A 100 4.01 25.46 -12.85
CA GLY A 100 3.18 25.13 -11.70
C GLY A 100 3.41 26.04 -10.51
N THR A 101 2.35 26.34 -9.78
CA THR A 101 2.42 27.15 -8.56
C THR A 101 1.85 26.32 -7.41
N ARG A 102 2.65 26.16 -6.36
CA ARG A 102 2.22 25.48 -5.15
C ARG A 102 1.50 26.48 -4.25
N LEU A 103 0.20 26.28 -4.04
CA LEU A 103 -0.62 27.20 -3.24
C LEU A 103 -0.75 26.65 -1.83
N THR A 104 -0.18 27.35 -0.86
N THR A 104 -0.17 27.35 -0.86
CA THR A 104 -0.25 26.96 0.55
CA THR A 104 -0.23 26.98 0.55
C THR A 104 -1.13 27.93 1.30
C THR A 104 -1.16 27.93 1.28
N VAL A 105 -2.10 27.38 2.03
CA VAL A 105 -3.02 28.15 2.86
C VAL A 105 -2.63 27.85 4.30
N LEU A 106 -2.11 28.85 5.00
CA LEU A 106 -1.57 28.67 6.35
C LEU A 106 -2.72 28.49 7.33
N GLY A 107 -2.95 27.26 7.77
CA GLY A 107 -4.04 26.97 8.68
C GLY A 107 -3.64 26.94 10.14
N GLN A 108 -2.34 26.96 10.41
CA GLN A 108 -1.84 26.90 11.77
C GLN A 108 -0.51 27.62 11.81
N PRO A 109 0.03 27.87 13.01
CA PRO A 109 1.31 28.58 13.10
C PRO A 109 2.42 27.83 12.38
N LYS A 110 3.37 28.59 11.84
CA LYS A 110 4.54 28.00 11.23
C LYS A 110 5.39 27.31 12.28
N ALA A 111 6.01 26.20 11.88
CA ALA A 111 6.93 25.45 12.74
C ALA A 111 8.19 25.16 11.93
N ALA A 112 9.31 25.72 12.38
CA ALA A 112 10.57 25.44 11.70
C ALA A 112 10.92 23.96 11.84
N PRO A 113 11.64 23.40 10.89
CA PRO A 113 12.03 21.99 11.01
C PRO A 113 13.17 21.80 12.00
N SER A 114 13.14 20.65 12.66
CA SER A 114 14.31 20.14 13.35
CA SER A 114 14.31 20.15 13.34
C SER A 114 15.19 19.45 12.32
N VAL A 115 16.47 19.81 12.27
CA VAL A 115 17.37 19.34 11.23
C VAL A 115 18.41 18.41 11.84
N PHE A 116 18.55 17.21 11.25
CA PHE A 116 19.54 16.23 11.65
C PHE A 116 20.32 15.79 10.41
N ILE A 117 21.60 15.47 10.59
CA ILE A 117 22.45 15.03 9.50
C ILE A 117 23.12 13.73 9.90
N PHE A 118 23.21 12.79 8.96
CA PHE A 118 23.80 11.48 9.19
C PHE A 118 24.94 11.23 8.21
N PRO A 119 26.18 11.09 8.66
CA PRO A 119 27.25 10.69 7.75
C PRO A 119 27.03 9.27 7.25
N PRO A 120 27.73 8.84 6.21
CA PRO A 120 27.61 7.45 5.78
C PRO A 120 28.17 6.51 6.83
N SER A 121 27.54 5.34 6.93
CA SER A 121 28.06 4.31 7.81
C SER A 121 29.34 3.71 7.25
N ASP A 122 30.20 3.23 8.15
CA ASP A 122 31.39 2.51 7.68
C ASP A 122 31.00 1.30 6.84
N GLU A 123 29.88 0.64 7.19
CA GLU A 123 29.44 -0.51 6.41
C GLU A 123 29.19 -0.12 4.96
N GLN A 124 28.54 1.01 4.72
CA GLN A 124 28.27 1.42 3.34
C GLN A 124 29.56 1.79 2.62
N LEU A 125 30.46 2.53 3.29
CA LEU A 125 31.70 2.95 2.65
C LEU A 125 32.45 1.76 2.11
N LYS A 126 32.41 0.62 2.81
CA LYS A 126 33.04 -0.60 2.30
C LYS A 126 32.50 -0.97 0.93
N SER A 127 31.20 -0.73 0.70
CA SER A 127 30.57 -1.07 -0.56
CA SER A 127 30.58 -1.09 -0.57
C SER A 127 30.96 -0.14 -1.70
N GLY A 128 31.73 0.91 -1.41
CA GLY A 128 32.20 1.82 -2.44
C GLY A 128 31.32 3.00 -2.73
N THR A 129 30.27 3.23 -1.94
CA THR A 129 29.42 4.40 -2.08
C THR A 129 29.23 5.05 -0.72
N ALA A 130 28.86 6.33 -0.75
CA ALA A 130 28.64 7.10 0.46
C ALA A 130 27.31 7.85 0.32
N SER A 131 26.40 7.62 1.25
CA SER A 131 25.14 8.35 1.33
C SER A 131 25.15 9.22 2.57
N VAL A 132 24.88 10.51 2.38
CA VAL A 132 24.72 11.47 3.47
C VAL A 132 23.25 11.87 3.50
N VAL A 133 22.63 11.77 4.67
CA VAL A 133 21.20 12.00 4.82
C VAL A 133 20.98 13.22 5.70
N CYS A 134 20.13 14.14 5.22
CA CYS A 134 19.70 15.30 5.96
C CYS A 134 18.20 15.15 6.21
N LEU A 135 17.80 15.22 7.48
CA LEU A 135 16.41 15.00 7.89
C LEU A 135 15.82 16.31 8.40
N LEU A 136 14.73 16.76 7.79
CA LEU A 136 13.92 17.86 8.27
C LEU A 136 12.66 17.27 8.90
N ASN A 137 12.45 17.52 10.19
CA ASN A 137 11.42 16.82 10.95
C ASN A 137 10.34 17.76 11.44
N ASN A 138 9.09 17.39 11.20
CA ASN A 138 7.91 17.97 11.84
C ASN A 138 7.87 19.48 11.69
N PHE A 139 7.77 19.92 10.43
CA PHE A 139 7.70 21.33 10.10
C PHE A 139 6.39 21.64 9.40
N TYR A 140 6.06 22.93 9.37
CA TYR A 140 4.87 23.44 8.71
C TYR A 140 5.10 24.89 8.30
N PRO A 141 4.74 25.30 7.07
CA PRO A 141 4.09 24.53 6.00
C PRO A 141 5.05 23.59 5.24
N ARG A 142 4.55 22.99 4.16
N ARG A 142 4.56 22.96 4.18
CA ARG A 142 5.28 21.91 3.50
CA ARG A 142 5.33 21.87 3.58
C ARG A 142 6.50 22.43 2.75
C ARG A 142 6.53 22.39 2.79
N GLU A 143 6.41 23.61 2.13
N GLU A 143 6.40 23.54 2.13
CA GLU A 143 7.49 24.10 1.30
CA GLU A 143 7.48 24.02 1.28
C GLU A 143 8.78 24.19 2.09
C GLU A 143 8.76 24.16 2.09
N ALA A 144 9.83 23.55 1.58
CA ALA A 144 11.15 23.63 2.20
C ALA A 144 12.18 23.41 1.11
N LYS A 145 13.35 24.04 1.28
CA LYS A 145 14.46 23.88 0.35
C LYS A 145 15.65 23.31 1.11
N VAL A 146 16.23 22.24 0.56
CA VAL A 146 17.45 21.63 1.10
C VAL A 146 18.48 21.61 -0.02
N GLN A 147 19.65 22.16 0.25
CA GLN A 147 20.74 22.17 -0.72
C GLN A 147 22.02 21.66 -0.06
N TRP A 148 22.82 20.93 -0.84
CA TRP A 148 24.02 20.30 -0.34
C TRP A 148 25.26 21.10 -0.74
N LYS A 149 26.16 21.28 0.22
CA LYS A 149 27.44 21.91 -0.02
C LYS A 149 28.54 20.97 0.47
N VAL A 150 29.52 20.71 -0.39
CA VAL A 150 30.67 19.87 -0.07
C VAL A 150 31.90 20.77 -0.19
N ASP A 151 32.58 21.01 0.93
CA ASP A 151 33.66 21.98 0.96
C ASP A 151 33.20 23.31 0.37
N ASN A 152 32.00 23.73 0.75
CA ASN A 152 31.39 24.99 0.33
C ASN A 152 31.10 25.04 -1.16
N ALA A 153 31.10 23.90 -1.84
CA ALA A 153 30.75 23.82 -3.25
C ALA A 153 29.34 23.26 -3.38
N LEU A 154 28.45 24.00 -4.03
CA LEU A 154 27.08 23.53 -4.22
C LEU A 154 27.08 22.22 -4.99
N GLN A 155 26.28 21.27 -4.52
CA GLN A 155 26.12 19.97 -5.17
C GLN A 155 24.85 19.96 -6.00
N SER A 156 24.97 19.58 -7.26
CA SER A 156 23.85 19.50 -8.17
CA SER A 156 23.85 19.50 -8.18
C SER A 156 23.86 18.15 -8.88
N GLY A 157 22.68 17.53 -8.96
CA GLY A 157 22.52 16.31 -9.72
C GLY A 157 22.83 15.01 -9.01
N ASN A 158 23.19 15.05 -7.72
CA ASN A 158 23.54 13.85 -6.99
C ASN A 158 22.77 13.72 -5.67
N SER A 159 21.61 14.37 -5.56
CA SER A 159 20.80 14.26 -4.35
C SER A 159 19.33 14.07 -4.75
N GLN A 160 18.58 13.43 -3.85
CA GLN A 160 17.16 13.21 -4.06
C GLN A 160 16.42 13.43 -2.75
N GLU A 161 15.17 13.89 -2.87
CA GLU A 161 14.33 14.27 -1.75
C GLU A 161 13.11 13.37 -1.67
N SER A 162 12.61 13.19 -0.45
CA SER A 162 11.34 12.50 -0.21
C SER A 162 10.64 13.19 0.95
N VAL A 163 9.31 13.25 0.88
CA VAL A 163 8.50 13.92 1.88
C VAL A 163 7.38 12.98 2.35
N THR A 164 7.05 13.06 3.63
CA THR A 164 5.96 12.27 4.17
C THR A 164 4.63 12.92 3.82
N GLU A 165 3.56 12.15 3.99
CA GLU A 165 2.23 12.76 3.93
C GLU A 165 1.98 13.56 5.20
N GLN A 166 1.03 14.49 5.10
CA GLN A 166 0.74 15.37 6.23
C GLN A 166 0.28 14.54 7.42
N ASP A 167 0.88 14.82 8.58
CA ASP A 167 0.46 14.15 9.80
C ASP A 167 -1.00 14.46 10.11
N SER A 168 -1.75 13.43 10.48
CA SER A 168 -3.19 13.61 10.70
C SER A 168 -3.46 14.54 11.87
N LYS A 169 -2.57 14.60 12.86
CA LYS A 169 -2.88 15.26 14.12
C LYS A 169 -2.36 16.69 14.15
N ASP A 170 -1.04 16.87 14.10
CA ASP A 170 -0.46 18.21 14.13
C ASP A 170 -0.24 18.79 12.74
N SER A 171 -0.55 18.04 11.69
CA SER A 171 -0.54 18.53 10.31
C SER A 171 0.85 18.93 9.84
N THR A 172 1.90 18.39 10.46
CA THR A 172 3.26 18.73 10.06
C THR A 172 3.79 17.72 9.04
N TYR A 173 4.95 18.05 8.48
CA TYR A 173 5.61 17.21 7.48
C TYR A 173 7.03 16.90 7.94
N SER A 174 7.60 15.88 7.32
CA SER A 174 9.02 15.61 7.41
C SER A 174 9.56 15.36 6.01
N LEU A 175 10.86 15.56 5.86
CA LEU A 175 11.51 15.48 4.56
C LEU A 175 12.91 14.95 4.75
N SER A 176 13.34 14.09 3.83
CA SER A 176 14.69 13.58 3.80
C SER A 176 15.36 14.02 2.51
N SER A 177 16.63 14.38 2.60
CA SER A 177 17.46 14.65 1.44
C SER A 177 18.69 13.76 1.56
N THR A 178 18.98 12.99 0.51
CA THR A 178 20.08 12.05 0.50
C THR A 178 21.06 12.43 -0.60
N LEU A 179 22.30 12.72 -0.20
CA LEU A 179 23.40 12.98 -1.13
C LEU A 179 24.20 11.69 -1.30
N THR A 180 24.35 11.25 -2.55
CA THR A 180 25.07 10.01 -2.84
C THR A 180 26.31 10.34 -3.65
N LEU A 181 27.47 9.95 -3.12
CA LEU A 181 28.74 10.11 -3.80
C LEU A 181 29.42 8.75 -3.88
N SER A 182 30.42 8.66 -4.76
CA SER A 182 31.33 7.53 -4.70
C SER A 182 32.14 7.62 -3.42
N LYS A 183 32.57 6.46 -2.92
CA LYS A 183 33.50 6.45 -1.79
C LYS A 183 34.70 7.35 -2.08
N ALA A 184 35.27 7.22 -3.27
CA ALA A 184 36.42 8.02 -3.66
C ALA A 184 36.13 9.51 -3.49
N ASP A 185 35.07 10.00 -4.14
CA ASP A 185 34.74 11.41 -4.04
C ASP A 185 34.46 11.81 -2.60
N TYR A 186 33.79 10.95 -1.84
CA TYR A 186 33.50 11.27 -0.45
C TYR A 186 34.78 11.51 0.33
N GLU A 187 35.81 10.69 0.09
CA GLU A 187 37.06 10.79 0.83
C GLU A 187 37.93 11.95 0.38
N LYS A 188 37.58 12.64 -0.70
CA LYS A 188 38.35 13.78 -1.17
C LYS A 188 37.94 15.08 -0.52
N HIS A 189 36.90 15.08 0.31
CA HIS A 189 36.39 16.31 0.90
C HIS A 189 36.20 16.11 2.40
N LYS A 190 36.12 17.24 3.11
CA LYS A 190 36.02 17.27 4.56
C LYS A 190 34.65 17.71 5.05
N VAL A 191 34.17 18.86 4.59
CA VAL A 191 32.98 19.50 5.15
C VAL A 191 31.77 19.08 4.32
N TYR A 192 30.80 18.45 4.98
CA TYR A 192 29.53 18.07 4.38
C TYR A 192 28.41 18.80 5.11
N ALA A 193 27.59 19.51 4.35
CA ALA A 193 26.58 20.40 4.92
C ALA A 193 25.33 20.40 4.08
N CYS A 194 24.17 20.40 4.73
CA CYS A 194 22.89 20.66 4.08
C CYS A 194 22.38 21.99 4.59
N GLU A 195 22.09 22.91 3.67
CA GLU A 195 21.51 24.21 4.00
C GLU A 195 20.01 24.13 3.84
N VAL A 196 19.29 24.54 4.88
CA VAL A 196 17.85 24.40 4.96
C VAL A 196 17.23 25.79 5.04
N THR A 197 16.26 26.05 4.18
CA THR A 197 15.45 27.25 4.27
C THR A 197 13.98 26.86 4.35
N HIS A 198 13.23 27.66 5.10
CA HIS A 198 11.84 27.33 5.41
C HIS A 198 11.19 28.59 5.97
N GLN A 199 9.90 28.78 5.64
CA GLN A 199 9.20 30.01 6.04
C GLN A 199 9.24 30.22 7.54
N GLY A 200 9.33 29.14 8.32
CA GLY A 200 9.48 29.25 9.76
C GLY A 200 10.86 29.61 10.25
N LEU A 201 11.81 29.84 9.33
CA LEU A 201 13.17 30.21 9.67
C LEU A 201 13.45 31.62 9.19
N SER A 202 13.96 32.47 10.10
CA SER A 202 14.32 33.83 9.71
C SER A 202 15.52 33.85 8.77
N SER A 203 16.45 32.92 8.94
CA SER A 203 17.63 32.81 8.10
C SER A 203 17.89 31.34 7.81
N PRO A 204 18.65 31.05 6.75
CA PRO A 204 18.98 29.64 6.48
C PRO A 204 19.66 28.98 7.66
N VAL A 205 19.39 27.69 7.83
CA VAL A 205 20.02 26.86 8.84
C VAL A 205 20.91 25.84 8.14
N THR A 206 22.11 25.64 8.68
CA THR A 206 23.08 24.71 8.11
C THR A 206 23.47 23.68 9.17
N LYS A 207 23.28 22.41 8.83
N LYS A 207 23.33 22.40 8.80
CA LYS A 207 23.82 21.30 9.61
CA LYS A 207 23.80 21.29 9.60
C LYS A 207 24.97 20.70 8.83
C LYS A 207 24.95 20.63 8.85
N SER A 208 26.09 20.46 9.50
CA SER A 208 27.28 19.97 8.83
C SER A 208 28.11 19.10 9.77
N PHE A 209 29.07 18.40 9.17
CA PHE A 209 30.05 17.64 9.91
C PHE A 209 31.33 17.58 9.07
N ASN A 210 32.44 17.28 9.74
CA ASN A 210 33.72 17.05 9.08
C ASN A 210 33.97 15.55 9.03
N ARG A 211 34.24 15.04 7.83
CA ARG A 211 34.54 13.62 7.66
C ARG A 211 35.55 13.17 8.70
N GLY A 212 35.08 12.44 9.71
CA GLY A 212 35.92 12.06 10.84
C GLY A 212 35.80 13.03 11.99
N GLU A 213 34.82 12.81 12.87
CA GLU A 213 34.54 13.70 13.99
C GLU A 213 34.53 12.99 15.35
N CYS A 214 34.92 11.72 15.40
CA CYS A 214 34.92 10.97 16.65
C CYS A 214 36.16 10.11 16.77
N PCA B 1 -21.22 7.61 -15.53
CA PCA B 1 -20.37 6.71 -16.38
CB PCA B 1 -20.98 6.55 -17.78
CG PCA B 1 -22.05 7.61 -17.89
CD PCA B 1 -22.19 8.14 -16.48
OE PCA B 1 -23.08 8.93 -16.18
C PCA B 1 -18.97 7.26 -16.50
O PCA B 1 -18.77 8.36 -17.02
H PCA B 1 -22.04 7.28 -15.49
HA PCA B 1 -20.35 5.81 -15.99
HB2 PCA B 1 -20.29 6.67 -18.46
HB3 PCA B 1 -21.36 5.65 -17.88
HG2 PCA B 1 -21.77 8.32 -18.51
HG3 PCA B 1 -22.89 7.23 -18.22
N VAL B 2 -17.96 6.40 -16.30
CA VAL B 2 -16.53 6.76 -16.48
C VAL B 2 -16.25 7.02 -17.95
N GLN B 3 -15.59 8.14 -18.23
CA GLN B 3 -15.34 8.56 -19.60
C GLN B 3 -13.98 8.12 -20.14
N LEU B 4 -12.99 7.92 -19.27
CA LEU B 4 -11.66 7.48 -19.66
C LEU B 4 -11.12 6.52 -18.63
N VAL B 5 -10.49 5.44 -19.10
CA VAL B 5 -9.86 4.46 -18.21
CA VAL B 5 -9.87 4.45 -18.22
C VAL B 5 -8.61 3.94 -18.89
N GLN B 6 -7.49 3.99 -18.19
CA GLN B 6 -6.20 3.61 -18.75
C GLN B 6 -5.77 2.22 -18.28
N SER B 7 -4.76 1.69 -18.98
CA SER B 7 -4.17 0.41 -18.65
C SER B 7 -3.27 0.55 -17.41
N GLY B 8 -2.82 -0.61 -16.90
CA GLY B 8 -2.11 -0.66 -15.65
C GLY B 8 -0.62 -0.33 -15.76
N ALA B 9 0.03 -0.33 -14.61
CA ALA B 9 1.42 0.09 -14.50
C ALA B 9 2.33 -0.77 -15.37
N GLU B 10 3.43 -0.16 -15.84
CA GLU B 10 4.38 -0.80 -16.74
C GLU B 10 5.79 -0.66 -16.18
N VAL B 11 6.61 -1.69 -16.38
CA VAL B 11 8.03 -1.63 -16.09
C VAL B 11 8.77 -2.05 -17.36
N LYS B 12 9.70 -1.21 -17.82
CA LYS B 12 10.39 -1.43 -19.08
C LYS B 12 11.87 -1.13 -18.91
N LYS B 13 12.69 -1.79 -19.72
CA LYS B 13 14.11 -1.51 -19.70
C LYS B 13 14.44 -0.36 -20.64
N PRO B 14 15.52 0.37 -20.38
CA PRO B 14 15.97 1.39 -21.34
C PRO B 14 16.11 0.79 -22.73
N GLY B 15 15.67 1.56 -23.72
CA GLY B 15 15.70 1.13 -25.10
C GLY B 15 14.44 0.46 -25.59
N ALA B 16 13.60 -0.04 -24.68
CA ALA B 16 12.36 -0.70 -25.04
C ALA B 16 11.29 0.34 -25.36
N SER B 17 10.07 -0.12 -25.57
CA SER B 17 8.92 0.75 -25.80
CA SER B 17 8.92 0.73 -25.82
C SER B 17 7.81 0.37 -24.83
N VAL B 18 6.89 1.30 -24.63
CA VAL B 18 5.74 1.09 -23.76
C VAL B 18 4.51 1.61 -24.48
N LYS B 19 3.44 0.82 -24.48
CA LYS B 19 2.18 1.18 -25.13
C LYS B 19 1.12 1.32 -24.05
N VAL B 20 0.61 2.53 -23.87
CA VAL B 20 -0.41 2.84 -22.87
C VAL B 20 -1.76 2.89 -23.56
N SER B 21 -2.76 2.24 -22.97
CA SER B 21 -4.12 2.22 -23.49
C SER B 21 -4.99 3.23 -22.75
N CYS B 22 -5.98 3.76 -23.46
CA CYS B 22 -6.93 4.72 -22.89
C CYS B 22 -8.29 4.43 -23.53
N LYS B 23 -9.10 3.65 -22.83
CA LYS B 23 -10.44 3.34 -23.33
C LYS B 23 -11.38 4.48 -22.97
N THR B 24 -12.15 4.94 -23.95
CA THR B 24 -13.06 6.05 -23.77
C THR B 24 -14.50 5.59 -23.95
N SER B 25 -15.42 6.41 -23.46
CA SER B 25 -16.82 6.21 -23.79
C SER B 25 -17.03 6.55 -25.26
N GLY B 26 -18.15 6.06 -25.82
CA GLY B 26 -18.50 6.42 -27.18
C GLY B 26 -18.64 7.93 -27.36
N TYR B 27 -19.25 8.59 -26.37
CA TYR B 27 -19.42 10.04 -26.44
C TYR B 27 -18.08 10.75 -26.54
N THR B 28 -17.13 10.38 -25.67
CA THR B 28 -15.80 10.98 -25.72
C THR B 28 -15.09 10.64 -27.02
N PHE B 29 -15.17 9.38 -27.45
CA PHE B 29 -14.47 8.95 -28.65
C PHE B 29 -14.93 9.74 -29.87
N ASN B 30 -16.23 10.04 -29.94
CA ASN B 30 -16.79 10.63 -31.16
C ASN B 30 -16.74 12.15 -31.20
N ASN B 31 -16.54 12.82 -30.05
CA ASN B 31 -16.74 14.26 -29.99
C ASN B 31 -15.57 15.03 -29.39
N TYR B 32 -14.50 14.36 -28.96
CA TYR B 32 -13.38 15.02 -28.30
C TYR B 32 -12.08 14.67 -28.98
N ASP B 33 -11.09 15.53 -28.79
CA ASP B 33 -9.69 15.15 -28.96
C ASP B 33 -9.16 14.57 -27.65
N ILE B 34 -8.13 13.75 -27.77
CA ILE B 34 -7.46 13.16 -26.62
C ILE B 34 -6.04 13.71 -26.55
N ASN B 35 -5.70 14.32 -25.42
CA ASN B 35 -4.34 14.77 -25.16
C ASN B 35 -3.60 13.72 -24.34
N TRP B 36 -2.30 13.62 -24.57
CA TRP B 36 -1.43 12.79 -23.77
C TRP B 36 -0.44 13.67 -23.03
N VAL B 37 -0.36 13.50 -21.71
CA VAL B 37 0.38 14.38 -20.81
C VAL B 37 1.05 13.49 -19.77
N ARG B 38 2.32 13.76 -19.49
CA ARG B 38 3.04 12.97 -18.50
C ARG B 38 3.55 13.87 -17.39
N GLN B 39 3.87 13.24 -16.25
CA GLN B 39 4.30 13.95 -15.06
C GLN B 39 5.23 13.06 -14.26
N ALA B 40 6.46 13.51 -14.07
CA ALA B 40 7.42 12.78 -13.25
C ALA B 40 7.29 13.19 -11.79
N ALA B 41 7.73 12.31 -10.91
CA ALA B 41 7.62 12.54 -9.47
C ALA B 41 8.14 13.92 -9.10
N GLY B 42 7.28 14.71 -8.45
CA GLY B 42 7.68 16.03 -7.99
C GLY B 42 7.93 17.05 -9.07
N GLN B 43 7.51 16.78 -10.31
CA GLN B 43 7.72 17.69 -11.42
C GLN B 43 6.36 18.09 -12.01
N GLY B 44 6.40 18.90 -13.06
CA GLY B 44 5.20 19.46 -13.64
C GLY B 44 4.63 18.61 -14.75
N LEU B 45 3.58 19.14 -15.36
CA LEU B 45 2.91 18.46 -16.46
C LEU B 45 3.64 18.73 -17.77
N GLU B 46 3.76 17.71 -18.61
CA GLU B 46 4.44 17.82 -19.89
C GLU B 46 3.56 17.21 -20.97
N TRP B 47 3.17 18.02 -21.94
CA TRP B 47 2.31 17.58 -23.03
C TRP B 47 3.11 16.84 -24.08
N MET B 48 2.57 15.72 -24.55
CA MET B 48 3.24 14.88 -25.55
C MET B 48 2.61 14.96 -26.93
N GLY B 49 1.30 15.08 -27.02
CA GLY B 49 0.64 15.14 -28.30
C GLY B 49 -0.85 14.96 -28.15
N TRP B 50 -1.53 14.87 -29.29
CA TRP B 50 -2.98 14.77 -29.31
C TRP B 50 -3.41 13.86 -30.45
N MET B 51 -4.62 13.32 -30.30
CA MET B 51 -5.26 12.54 -31.35
C MET B 51 -6.75 12.88 -31.36
N ASN B 52 -7.32 12.99 -32.55
CA ASN B 52 -8.76 13.03 -32.69
C ASN B 52 -9.24 11.62 -33.01
N PRO B 53 -9.87 10.91 -32.07
CA PRO B 53 -10.19 9.50 -32.32
C PRO B 53 -11.14 9.27 -33.48
N TYR B 54 -12.09 10.20 -33.70
CA TYR B 54 -13.07 9.97 -34.76
C TYR B 54 -12.41 9.98 -36.13
N SER B 55 -11.49 10.92 -36.37
CA SER B 55 -10.84 11.06 -37.66
C SER B 55 -9.49 10.35 -37.72
N GLY B 56 -8.81 10.20 -36.60
CA GLY B 56 -7.50 9.60 -36.57
C GLY B 56 -6.35 10.58 -36.72
N ASN B 57 -6.64 11.87 -36.92
CA ASN B 57 -5.59 12.86 -37.03
C ASN B 57 -4.84 12.98 -35.71
N THR B 58 -3.55 13.31 -35.80
CA THR B 58 -2.70 13.40 -34.62
C THR B 58 -1.73 14.55 -34.76
N GLY B 59 -1.21 14.96 -33.61
CA GLY B 59 -0.08 15.87 -33.56
C GLY B 59 0.75 15.54 -32.35
N TYR B 60 2.05 15.77 -32.44
CA TYR B 60 3.01 15.44 -31.40
CA TYR B 60 2.97 15.47 -31.36
C TYR B 60 3.81 16.69 -31.04
N ALA B 61 4.35 16.70 -29.83
CA ALA B 61 5.28 17.76 -29.44
C ALA B 61 6.67 17.46 -29.99
N GLN B 62 7.33 18.50 -30.49
CA GLN B 62 8.61 18.32 -31.20
C GLN B 62 9.58 17.47 -30.40
N LYS B 63 9.63 17.64 -29.08
CA LYS B 63 10.56 16.89 -28.26
C LYS B 63 10.40 15.37 -28.45
N PHE B 64 9.20 14.92 -28.80
CA PHE B 64 8.90 13.50 -28.91
C PHE B 64 8.83 13.04 -30.37
N GLN B 65 9.32 13.85 -31.30
CA GLN B 65 9.31 13.47 -32.71
C GLN B 65 9.98 12.13 -32.92
N GLY B 66 9.28 11.24 -33.62
CA GLY B 66 9.81 9.94 -33.98
C GLY B 66 9.64 8.88 -32.91
N ARG B 67 9.54 9.31 -31.65
CA ARG B 67 9.48 8.37 -30.52
C ARG B 67 8.07 8.00 -30.11
N VAL B 68 7.08 8.83 -30.42
N VAL B 68 7.07 8.83 -30.41
CA VAL B 68 5.70 8.61 -29.98
CA VAL B 68 5.70 8.61 -29.97
C VAL B 68 4.87 8.15 -31.17
C VAL B 68 4.86 8.17 -31.16
N THR B 69 3.96 7.21 -30.92
CA THR B 69 3.04 6.71 -31.93
C THR B 69 1.66 6.62 -31.29
N MET B 70 0.72 7.36 -31.84
CA MET B 70 -0.66 7.37 -31.35
C MET B 70 -1.54 6.63 -32.34
N THR B 71 -2.35 5.69 -31.83
CA THR B 71 -3.20 4.87 -32.65
C THR B 71 -4.56 4.75 -31.97
N ARG B 72 -5.50 4.09 -32.64
CA ARG B 72 -6.86 3.94 -32.15
C ARG B 72 -7.38 2.58 -32.56
N ASN B 73 -8.42 2.13 -31.87
CA ASN B 73 -9.20 0.97 -32.27
C ASN B 73 -10.67 1.36 -32.11
N ILE B 74 -11.31 1.66 -33.25
CA ILE B 74 -12.67 2.21 -33.22
C ILE B 74 -13.64 1.20 -32.60
N SER B 75 -13.43 -0.09 -32.90
CA SER B 75 -14.42 -1.09 -32.50
C SER B 75 -14.55 -1.19 -30.99
N ILE B 76 -13.50 -0.84 -30.25
CA ILE B 76 -13.54 -0.84 -28.79
C ILE B 76 -13.30 0.55 -28.21
N THR B 77 -13.48 1.59 -29.03
CA THR B 77 -13.34 2.99 -28.63
C THR B 77 -12.17 3.18 -27.66
N THR B 78 -11.00 2.75 -28.11
CA THR B 78 -9.77 2.88 -27.34
C THR B 78 -8.74 3.61 -28.18
N VAL B 79 -7.94 4.44 -27.52
CA VAL B 79 -6.79 5.10 -28.14
C VAL B 79 -5.54 4.68 -27.38
N TYR B 80 -4.40 4.78 -28.05
CA TYR B 80 -3.13 4.29 -27.52
C TYR B 80 -2.04 5.31 -27.76
N MET B 81 -1.06 5.32 -26.87
CA MET B 81 0.17 6.10 -27.03
C MET B 81 1.33 5.16 -26.76
N GLU B 82 2.17 4.94 -27.76
CA GLU B 82 3.37 4.15 -27.61
C GLU B 82 4.59 5.07 -27.63
N LEU B 83 5.41 4.99 -26.59
CA LEU B 83 6.66 5.72 -26.50
C LEU B 83 7.81 4.74 -26.65
N SER B 84 8.65 4.96 -27.66
CA SER B 84 9.77 4.08 -27.96
CA SER B 84 9.77 4.08 -27.94
C SER B 84 11.07 4.68 -27.46
N SER B 85 12.15 3.89 -27.58
CA SER B 85 13.49 4.29 -27.15
C SER B 85 13.49 4.87 -25.75
N LEU B 86 12.88 4.13 -24.82
CA LEU B 86 12.72 4.62 -23.46
C LEU B 86 14.07 4.85 -22.79
N ARG B 87 14.12 5.89 -21.95
CA ARG B 87 15.28 6.19 -21.12
C ARG B 87 14.82 6.48 -19.70
N SER B 88 15.79 6.49 -18.78
CA SER B 88 15.47 6.66 -17.37
C SER B 88 14.60 7.88 -17.14
N GLU B 89 14.82 8.95 -17.90
CA GLU B 89 14.09 10.19 -17.73
C GLU B 89 12.63 10.07 -18.16
N ASP B 90 12.24 8.96 -18.78
CA ASP B 90 10.86 8.74 -19.19
C ASP B 90 10.01 8.13 -18.08
N THR B 91 10.60 7.82 -16.93
CA THR B 91 9.82 7.34 -15.81
C THR B 91 8.87 8.44 -15.36
N ALA B 92 7.57 8.13 -15.38
CA ALA B 92 6.56 9.15 -15.11
C ALA B 92 5.19 8.49 -15.11
N VAL B 93 4.20 9.25 -14.65
CA VAL B 93 2.80 8.90 -14.83
C VAL B 93 2.34 9.50 -16.15
N TYR B 94 1.70 8.69 -16.99
CA TYR B 94 1.24 9.09 -18.30
C TYR B 94 -0.28 9.15 -18.29
N TYR B 95 -0.82 10.31 -18.67
CA TYR B 95 -2.25 10.57 -18.65
C TYR B 95 -2.79 10.72 -20.07
N CYS B 96 -4.00 10.20 -20.29
CA CYS B 96 -4.84 10.69 -21.38
C CYS B 96 -5.89 11.61 -20.79
N ALA B 97 -6.27 12.61 -21.58
CA ALA B 97 -7.28 13.58 -21.15
C ALA B 97 -8.00 14.11 -22.39
N ARG B 98 -9.31 14.34 -22.25
CA ARG B 98 -10.14 14.75 -23.37
C ARG B 98 -10.32 16.25 -23.41
N GLU B 99 -10.52 16.77 -24.62
CA GLU B 99 -10.71 18.20 -24.83
C GLU B 99 -11.56 18.40 -26.06
N VAL B 100 -12.46 19.39 -26.02
CA VAL B 100 -13.25 19.79 -27.17
C VAL B 100 -12.47 20.84 -27.96
N ARG B 101 -12.30 20.60 -29.25
CA ARG B 101 -11.57 21.54 -30.11
C ARG B 101 -12.39 21.86 -31.35
N GLY B 105 -8.96 31.45 -31.29
CA GLY B 105 -8.78 30.27 -30.46
C GLY B 105 -10.03 29.41 -30.38
N TYR B 106 -9.85 28.13 -30.07
CA TYR B 106 -10.97 27.21 -29.94
C TYR B 106 -10.58 25.99 -29.10
N GLY B 107 -10.13 26.22 -27.87
CA GLY B 107 -9.77 25.13 -26.98
C GLY B 107 -10.45 25.24 -25.63
N GLY B 108 -11.24 24.23 -25.28
CA GLY B 108 -11.98 24.22 -24.04
C GLY B 108 -11.26 23.62 -22.85
N GLY B 109 -10.00 23.20 -23.03
CA GLY B 109 -9.25 22.60 -21.96
C GLY B 109 -9.53 21.11 -21.79
N SER B 110 -8.66 20.47 -21.01
CA SER B 110 -8.79 19.04 -20.72
C SER B 110 -9.67 18.88 -19.49
N ASP B 111 -10.97 18.60 -19.72
CA ASP B 111 -11.96 18.61 -18.66
C ASP B 111 -12.18 17.23 -18.04
N TYR B 112 -11.54 16.18 -18.56
CA TYR B 112 -11.67 14.84 -18.00
C TYR B 112 -10.36 14.11 -18.21
N TRP B 113 -9.83 13.52 -17.14
CA TRP B 113 -8.53 12.87 -17.15
C TRP B 113 -8.65 11.40 -16.78
N GLY B 114 -7.86 10.56 -17.42
CA GLY B 114 -7.68 9.20 -16.96
C GLY B 114 -7.00 9.17 -15.60
N GLN B 115 -6.91 7.96 -15.03
CA GLN B 115 -6.27 7.83 -13.74
C GLN B 115 -4.75 7.89 -13.83
N GLY B 116 -4.20 7.88 -15.04
CA GLY B 116 -2.76 7.84 -15.21
C GLY B 116 -2.21 6.43 -15.21
N THR B 117 -1.11 6.24 -15.93
CA THR B 117 -0.42 4.97 -16.02
C THR B 117 1.04 5.19 -15.63
N LEU B 118 1.47 4.57 -14.55
CA LEU B 118 2.87 4.66 -14.16
C LEU B 118 3.72 3.79 -15.08
N VAL B 119 4.77 4.40 -15.65
CA VAL B 119 5.76 3.69 -16.44
C VAL B 119 7.10 3.87 -15.75
N THR B 120 7.69 2.78 -15.29
CA THR B 120 9.00 2.78 -14.64
C THR B 120 10.01 2.22 -15.63
N VAL B 121 11.04 3.02 -15.96
CA VAL B 121 12.09 2.63 -16.88
C VAL B 121 13.33 2.34 -16.05
N SER B 122 13.76 1.09 -16.04
CA SER B 122 14.93 0.68 -15.27
C SER B 122 15.53 -0.57 -15.90
N SER B 123 16.86 -0.62 -15.92
CA SER B 123 17.56 -1.82 -16.35
C SER B 123 17.62 -2.89 -15.27
N ALA B 124 17.06 -2.63 -14.10
CA ALA B 124 17.32 -3.46 -12.93
C ALA B 124 16.58 -4.80 -13.02
N SER B 125 17.24 -5.84 -12.55
CA SER B 125 16.57 -7.09 -12.19
C SER B 125 16.18 -7.02 -10.72
N THR B 126 15.35 -7.96 -10.30
CA THR B 126 14.95 -8.04 -8.91
C THR B 126 16.19 -8.08 -8.02
N LYS B 127 16.19 -7.25 -6.97
CA LYS B 127 17.35 -7.12 -6.11
C LYS B 127 16.89 -6.67 -4.73
N GLY B 128 17.43 -7.32 -3.69
CA GLY B 128 17.12 -6.96 -2.33
C GLY B 128 17.97 -5.79 -1.85
N PRO B 129 17.47 -5.06 -0.85
CA PRO B 129 18.21 -3.89 -0.37
C PRO B 129 19.38 -4.24 0.51
N SER B 130 20.34 -3.32 0.54
CA SER B 130 21.27 -3.21 1.66
C SER B 130 20.63 -2.30 2.70
N VAL B 131 20.85 -2.62 3.96
CA VAL B 131 20.27 -1.85 5.07
C VAL B 131 21.42 -1.30 5.90
N PHE B 132 21.57 0.03 5.91
CA PHE B 132 22.64 0.69 6.62
C PHE B 132 22.10 1.49 7.79
N PRO B 133 22.80 1.50 8.93
CA PRO B 133 22.33 2.28 10.07
C PRO B 133 22.51 3.77 9.85
N LEU B 134 21.51 4.54 10.29
CA LEU B 134 21.62 5.99 10.44
C LEU B 134 21.82 6.21 11.94
N ALA B 135 23.07 6.24 12.35
CA ALA B 135 23.40 6.16 13.78
C ALA B 135 23.10 7.48 14.47
N PRO B 136 22.49 7.46 15.66
CA PRO B 136 22.34 8.70 16.42
C PRO B 136 23.68 9.18 16.93
N SER B 137 23.92 10.48 16.79
CA SER B 137 25.16 11.09 17.25
C SER B 137 24.84 12.50 17.73
N SER B 138 25.89 13.26 18.08
CA SER B 138 25.68 14.66 18.45
C SER B 138 25.10 15.46 17.30
N LYS B 139 25.37 15.03 16.05
CA LYS B 139 24.87 15.72 14.88
C LYS B 139 23.43 15.34 14.53
N SER B 140 22.83 14.39 15.24
CA SER B 140 21.41 14.08 15.11
C SER B 140 20.74 14.16 16.47
N THR B 141 21.15 15.13 17.29
CA THR B 141 20.57 15.37 18.61
C THR B 141 20.16 16.83 18.69
N SER B 142 18.86 17.07 18.87
CA SER B 142 18.31 18.41 19.06
C SER B 142 17.76 18.48 20.48
N GLY B 143 18.58 18.98 21.39
CA GLY B 143 18.18 19.06 22.78
C GLY B 143 17.98 17.69 23.38
N GLY B 144 16.78 17.45 23.91
CA GLY B 144 16.44 16.17 24.50
C GLY B 144 15.96 15.11 23.54
N THR B 145 15.98 15.40 22.24
CA THR B 145 15.52 14.47 21.22
C THR B 145 16.68 14.03 20.35
N ALA B 146 16.75 12.73 20.08
CA ALA B 146 17.75 12.15 19.19
C ALA B 146 17.06 11.51 18.00
N ALA B 147 17.67 11.61 16.82
CA ALA B 147 17.17 10.99 15.61
C ALA B 147 18.08 9.84 15.21
N LEU B 148 17.46 8.74 14.76
CA LEU B 148 18.18 7.58 14.25
C LEU B 148 17.32 6.96 13.16
N GLY B 149 17.90 6.00 12.44
CA GLY B 149 17.14 5.39 11.36
C GLY B 149 17.90 4.30 10.65
N CYS B 150 17.32 3.87 9.53
CA CYS B 150 17.88 2.87 8.65
C CYS B 150 17.75 3.34 7.20
N LEU B 151 18.83 3.25 6.46
CA LEU B 151 18.85 3.53 5.03
C LEU B 151 18.67 2.22 4.27
N VAL B 152 17.56 2.09 3.56
CA VAL B 152 17.21 0.88 2.82
C VAL B 152 17.50 1.17 1.35
N LYS B 153 18.65 0.72 0.86
CA LYS B 153 19.22 1.24 -0.37
C LYS B 153 19.41 0.14 -1.42
N ASP B 154 19.10 0.50 -2.67
CA ASP B 154 19.42 -0.29 -3.86
C ASP B 154 18.60 -1.56 -3.97
N TYR B 155 17.28 -1.42 -4.05
CA TYR B 155 16.38 -2.55 -4.23
C TYR B 155 15.49 -2.32 -5.44
N PHE B 156 14.90 -3.42 -5.92
CA PHE B 156 14.00 -3.37 -7.07
C PHE B 156 13.22 -4.67 -7.15
N PRO B 157 11.91 -4.64 -7.45
CA PRO B 157 11.05 -3.47 -7.60
C PRO B 157 10.47 -3.01 -6.27
N GLU B 158 9.50 -2.10 -6.32
CA GLU B 158 8.70 -1.80 -5.15
C GLU B 158 7.82 -3.01 -4.80
N PRO B 159 7.35 -3.10 -3.54
CA PRO B 159 7.57 -2.22 -2.41
C PRO B 159 8.43 -2.84 -1.30
N VAL B 160 8.72 -2.02 -0.29
CA VAL B 160 9.41 -2.48 0.91
CA VAL B 160 9.43 -2.46 0.91
C VAL B 160 8.65 -1.93 2.11
N THR B 161 8.67 -2.70 3.20
CA THR B 161 8.05 -2.28 4.44
C THR B 161 9.11 -2.25 5.54
N VAL B 162 8.92 -1.35 6.49
CA VAL B 162 9.83 -1.17 7.61
C VAL B 162 9.03 -1.05 8.89
N SER B 163 9.50 -1.71 9.94
CA SER B 163 9.00 -1.51 11.29
C SER B 163 10.21 -1.35 12.21
N TRP B 164 9.93 -1.00 13.47
CA TRP B 164 10.97 -0.81 14.46
C TRP B 164 10.64 -1.64 15.69
N ASN B 165 11.65 -2.35 16.20
CA ASN B 165 11.50 -3.20 17.38
C ASN B 165 10.30 -4.13 17.24
N SER B 166 10.16 -4.69 16.04
CA SER B 166 9.12 -5.69 15.75
C SER B 166 7.72 -5.11 15.96
N GLY B 167 7.55 -3.82 15.71
CA GLY B 167 6.26 -3.18 15.84
C GLY B 167 6.00 -2.56 17.19
N ALA B 168 6.91 -2.70 18.15
CA ALA B 168 6.72 -2.11 19.47
C ALA B 168 6.96 -0.60 19.47
N LEU B 169 7.74 -0.09 18.53
CA LEU B 169 8.07 1.33 18.44
C LEU B 169 7.37 1.90 17.22
N THR B 170 6.38 2.77 17.46
CA THR B 170 5.62 3.37 16.37
C THR B 170 5.61 4.90 16.48
N SER B 171 5.70 5.42 17.70
CA SER B 171 5.66 6.86 17.91
C SER B 171 6.94 7.51 17.37
N GLY B 172 6.78 8.60 16.62
CA GLY B 172 7.92 9.31 16.08
C GLY B 172 8.58 8.67 14.88
N VAL B 173 8.01 7.59 14.35
CA VAL B 173 8.58 6.91 13.19
C VAL B 173 8.11 7.60 11.92
N HIS B 174 9.05 7.90 11.04
CA HIS B 174 8.75 8.39 9.69
C HIS B 174 9.46 7.49 8.70
N THR B 175 8.69 6.74 7.92
CA THR B 175 9.21 5.92 6.83
C THR B 175 8.88 6.62 5.52
N PHE B 176 9.92 7.07 4.82
CA PHE B 176 9.72 7.93 3.67
C PHE B 176 9.36 7.14 2.42
N PRO B 177 8.59 7.73 1.52
CA PRO B 177 8.41 7.12 0.20
C PRO B 177 9.76 6.96 -0.49
N ALA B 178 9.88 5.89 -1.27
CA ALA B 178 11.13 5.62 -1.95
C ALA B 178 11.33 6.60 -3.10
N VAL B 179 12.59 6.78 -3.49
CA VAL B 179 12.96 7.47 -4.71
C VAL B 179 13.62 6.46 -5.64
N LEU B 180 13.45 6.66 -6.93
CA LEU B 180 14.14 5.88 -7.95
C LEU B 180 15.44 6.58 -8.30
N GLN B 181 16.56 5.93 -8.02
CA GLN B 181 17.87 6.52 -8.26
C GLN B 181 18.22 6.45 -9.74
N SER B 182 19.25 7.20 -10.13
CA SER B 182 19.69 7.18 -11.51
C SER B 182 20.20 5.80 -11.92
N SER B 183 20.57 4.97 -10.95
CA SER B 183 20.99 3.60 -11.21
C SER B 183 19.84 2.69 -11.63
N GLY B 184 18.60 3.13 -11.46
CA GLY B 184 17.45 2.28 -11.70
C GLY B 184 17.02 1.47 -10.51
N LEU B 185 17.63 1.70 -9.34
CA LEU B 185 17.26 1.04 -8.10
C LEU B 185 16.61 2.03 -7.15
N TYR B 186 15.72 1.52 -6.32
CA TYR B 186 15.05 2.35 -5.33
C TYR B 186 15.88 2.47 -4.06
N SER B 187 15.61 3.54 -3.32
CA SER B 187 16.20 3.76 -2.01
C SER B 187 15.21 4.52 -1.16
N LEU B 188 15.16 4.20 0.13
CA LEU B 188 14.36 4.98 1.06
C LEU B 188 15.03 4.94 2.42
N SER B 189 14.56 5.81 3.31
N SER B 189 14.54 5.79 3.32
CA SER B 189 15.01 5.85 4.69
CA SER B 189 15.03 5.87 4.68
C SER B 189 13.81 5.74 5.61
C SER B 189 13.85 5.83 5.65
N SER B 190 14.05 5.15 6.78
CA SER B 190 13.09 5.12 7.87
C SER B 190 13.80 5.68 9.08
N VAL B 191 13.22 6.71 9.68
CA VAL B 191 13.83 7.39 10.82
C VAL B 191 12.86 7.37 11.99
N VAL B 192 13.41 7.60 13.17
CA VAL B 192 12.61 7.71 14.39
C VAL B 192 13.32 8.69 15.31
N THR B 193 12.54 9.53 15.98
CA THR B 193 13.04 10.43 17.01
C THR B 193 12.71 9.83 18.37
N VAL B 194 13.69 9.83 19.26
CA VAL B 194 13.55 9.22 20.59
C VAL B 194 14.22 10.10 21.62
N PRO B 195 13.92 9.89 22.90
CA PRO B 195 14.61 10.66 23.94
C PRO B 195 16.11 10.38 23.90
N SER B 196 16.90 11.45 23.96
CA SER B 196 18.35 11.29 23.96
C SER B 196 18.82 10.42 25.11
N SER B 197 18.12 10.48 26.25
CA SER B 197 18.53 9.72 27.43
C SER B 197 18.35 8.22 27.26
N SER B 198 17.57 7.78 26.27
CA SER B 198 17.32 6.36 26.07
C SER B 198 18.40 5.67 25.25
N LEU B 199 19.35 6.42 24.69
CA LEU B 199 20.29 5.84 23.74
C LEU B 199 21.21 4.81 24.40
N GLY B 200 21.56 5.02 25.67
CA GLY B 200 22.45 4.09 26.33
C GLY B 200 21.78 2.83 26.85
N THR B 201 20.46 2.85 27.00
CA THR B 201 19.73 1.76 27.63
C THR B 201 18.76 1.05 26.70
N GLN B 202 18.24 1.72 25.68
CA GLN B 202 17.22 1.15 24.81
C GLN B 202 17.82 0.65 23.51
N THR B 203 17.41 -0.54 23.10
CA THR B 203 17.84 -1.13 21.83
C THR B 203 16.88 -0.72 20.72
N TYR B 204 17.44 -0.37 19.58
CA TYR B 204 16.66 0.07 18.42
C TYR B 204 17.05 -0.78 17.23
N ILE B 205 16.07 -1.49 16.66
CA ILE B 205 16.28 -2.37 15.52
C ILE B 205 15.20 -2.08 14.50
N CYS B 206 15.60 -1.85 13.26
CA CYS B 206 14.66 -1.68 12.17
C CYS B 206 14.46 -3.02 11.47
N ASN B 207 13.21 -3.34 11.19
CA ASN B 207 12.82 -4.60 10.57
C ASN B 207 12.39 -4.30 9.14
N VAL B 208 13.16 -4.80 8.17
CA VAL B 208 12.96 -4.50 6.75
C VAL B 208 12.54 -5.78 6.03
N ASN B 209 11.47 -5.69 5.24
CA ASN B 209 11.01 -6.81 4.41
C ASN B 209 10.80 -6.31 3.00
N HIS B 210 11.58 -6.83 2.06
CA HIS B 210 11.42 -6.59 0.63
C HIS B 210 10.93 -7.91 0.04
N LYS B 211 9.61 -8.09 0.02
CA LYS B 211 9.05 -9.36 -0.40
C LYS B 211 9.41 -9.75 -1.83
N PRO B 212 9.48 -8.84 -2.80
CA PRO B 212 9.81 -9.27 -4.18
C PRO B 212 11.12 -10.04 -4.28
N SER B 213 12.09 -9.75 -3.42
CA SER B 213 13.36 -10.47 -3.39
C SER B 213 13.42 -11.44 -2.22
N ASN B 214 12.35 -11.55 -1.44
CA ASN B 214 12.32 -12.36 -0.23
C ASN B 214 13.46 -12.01 0.71
N THR B 215 13.79 -10.72 0.80
CA THR B 215 14.84 -10.24 1.68
C THR B 215 14.24 -9.71 2.97
N LYS B 216 14.65 -10.29 4.10
N LYS B 216 14.65 -10.29 4.10
CA LYS B 216 14.23 -9.86 5.42
CA LYS B 216 14.23 -9.86 5.42
C LYS B 216 15.47 -9.56 6.25
C LYS B 216 15.48 -9.55 6.24
N VAL B 217 15.55 -8.34 6.78
CA VAL B 217 16.72 -7.86 7.50
C VAL B 217 16.30 -7.18 8.79
N ASP B 218 16.95 -7.54 9.89
CA ASP B 218 16.86 -6.82 11.15
C ASP B 218 18.21 -6.18 11.42
N LYS B 219 18.24 -4.85 11.48
CA LYS B 219 19.48 -4.09 11.65
C LYS B 219 19.41 -3.33 12.95
N ARG B 220 20.33 -3.62 13.86
CA ARG B 220 20.42 -2.87 15.11
C ARG B 220 21.15 -1.55 14.86
N VAL B 221 20.59 -0.48 15.40
CA VAL B 221 21.11 0.87 15.21
C VAL B 221 21.66 1.34 16.55
N GLU B 222 22.98 1.52 16.62
CA GLU B 222 23.65 1.88 17.87
C GLU B 222 24.27 3.26 17.74
N PRO B 223 24.39 4.00 18.85
CA PRO B 223 25.03 5.31 18.80
C PRO B 223 26.45 5.23 18.26
N LYS B 224 26.86 6.28 17.56
CA LYS B 224 28.24 6.35 17.08
C LYS B 224 29.17 6.67 18.24
N SER B 225 30.20 5.84 18.40
CA SER B 225 31.14 5.99 19.51
C SER B 225 32.42 6.70 19.07
N GLU C 3 -5.66 -36.91 9.20
CA GLU C 3 -5.70 -35.49 9.55
C GLU C 3 -5.19 -35.26 10.97
N LEU C 4 -4.57 -34.10 11.18
CA LEU C 4 -4.10 -33.68 12.49
C LEU C 4 -5.03 -32.60 13.02
N THR C 5 -5.42 -32.73 14.28
CA THR C 5 -6.35 -31.79 14.91
C THR C 5 -5.64 -31.05 16.03
N GLN C 6 -5.69 -29.73 15.98
CA GLN C 6 -5.15 -28.86 17.01
C GLN C 6 -6.29 -28.03 17.60
N PRO C 7 -6.16 -27.56 18.84
CA PRO C 7 -7.15 -26.63 19.37
C PRO C 7 -7.20 -25.37 18.53
N PRO C 8 -8.40 -24.86 18.21
CA PRO C 8 -8.45 -23.63 17.40
C PRO C 8 -7.70 -22.47 18.02
N SER C 9 -7.81 -22.29 19.33
CA SER C 9 -7.19 -21.16 20.00
C SER C 9 -6.81 -21.54 21.41
N VAL C 10 -5.69 -21.00 21.86
CA VAL C 10 -5.27 -21.05 23.26
C VAL C 10 -4.79 -19.65 23.63
N SER C 11 -5.15 -19.20 24.82
N SER C 11 -5.16 -19.20 24.82
CA SER C 11 -4.78 -17.88 25.30
CA SER C 11 -4.79 -17.87 25.30
C SER C 11 -4.25 -17.98 26.72
C SER C 11 -4.25 -17.98 26.72
N LEU C 12 -3.18 -17.24 26.99
CA LEU C 12 -2.59 -17.18 28.31
C LEU C 12 -1.92 -15.81 28.44
N SER C 13 -1.27 -15.59 29.57
CA SER C 13 -0.68 -14.30 29.86
C SER C 13 0.84 -14.34 29.74
N PRO C 14 1.49 -13.20 29.55
CA PRO C 14 2.94 -13.20 29.29
C PRO C 14 3.71 -13.85 30.44
N GLY C 15 4.89 -14.36 30.11
CA GLY C 15 5.72 -15.06 31.06
C GLY C 15 5.27 -16.45 31.42
N GLN C 16 4.06 -16.85 31.01
CA GLN C 16 3.52 -18.14 31.37
C GLN C 16 3.88 -19.19 30.32
N THR C 17 3.39 -20.41 30.51
CA THR C 17 3.76 -21.56 29.70
C THR C 17 2.62 -21.90 28.74
N ALA C 18 2.87 -21.76 27.44
CA ALA C 18 1.90 -22.09 26.42
C ALA C 18 2.01 -23.56 26.04
N THR C 19 0.85 -24.20 25.83
CA THR C 19 0.77 -25.61 25.50
C THR C 19 -0.16 -25.77 24.31
N ILE C 20 0.35 -26.36 23.23
CA ILE C 20 -0.41 -26.55 22.00
C ILE C 20 -0.29 -28.01 21.58
N THR C 21 -1.42 -28.70 21.49
CA THR C 21 -1.45 -30.11 21.18
C THR C 21 -1.77 -30.35 19.70
N CYS C 22 -1.54 -31.59 19.27
CA CYS C 22 -1.69 -31.97 17.87
C CYS C 22 -1.85 -33.49 17.85
N SER C 23 -3.05 -33.97 17.54
CA SER C 23 -3.37 -35.39 17.66
C SER C 23 -3.68 -35.99 16.30
N GLY C 24 -3.29 -37.25 16.14
CA GLY C 24 -3.60 -38.00 14.93
C GLY C 24 -3.33 -39.46 15.15
N ASP C 25 -3.95 -40.29 14.31
CA ASP C 25 -3.83 -41.73 14.45
C ASP C 25 -2.48 -42.20 13.90
N LYS C 26 -1.87 -43.15 14.59
CA LYS C 26 -0.55 -43.66 14.24
C LYS C 26 0.47 -42.53 14.15
N LEU C 27 0.26 -41.47 14.93
CA LEU C 27 1.19 -40.35 14.91
C LEU C 27 2.53 -40.71 15.53
N ASP C 28 2.55 -41.69 16.43
CA ASP C 28 3.80 -42.14 17.01
C ASP C 28 4.75 -42.70 15.96
N ASP C 29 4.22 -43.10 14.80
CA ASP C 29 5.05 -43.65 13.72
C ASP C 29 5.69 -42.58 12.85
N ASN C 30 5.35 -41.31 13.05
CA ASN C 30 5.78 -40.23 12.17
C ASN C 30 6.51 -39.16 12.95
N TYR C 31 7.33 -38.39 12.24
CA TYR C 31 7.97 -37.20 12.79
C TYR C 31 7.06 -36.00 12.59
N VAL C 32 7.01 -35.13 13.61
CA VAL C 32 6.15 -33.95 13.59
C VAL C 32 7.03 -32.71 13.62
N CYS C 33 6.67 -31.73 12.80
CA CYS C 33 7.28 -30.40 12.79
C CYS C 33 6.24 -29.37 13.22
N TRP C 34 6.73 -28.22 13.68
CA TRP C 34 5.88 -27.10 14.07
C TRP C 34 6.34 -25.84 13.38
N TYR C 35 5.38 -25.02 12.94
CA TYR C 35 5.66 -23.77 12.23
C TYR C 35 4.95 -22.62 12.91
N GLN C 36 5.65 -21.48 12.97
CA GLN C 36 5.09 -20.23 13.47
C GLN C 36 4.81 -19.31 12.30
N GLN C 37 3.64 -18.66 12.31
CA GLN C 37 3.29 -17.72 11.26
C GLN C 37 2.60 -16.51 11.86
N LYS C 38 3.20 -15.35 11.67
CA LYS C 38 2.63 -14.07 12.07
C LYS C 38 1.93 -13.42 10.89
N PRO C 39 1.07 -12.44 11.15
CA PRO C 39 0.30 -11.83 10.06
C PRO C 39 1.21 -11.22 9.00
N GLY C 40 0.93 -11.54 7.75
CA GLY C 40 1.65 -10.96 6.63
C GLY C 40 3.02 -11.53 6.39
N GLN C 41 3.39 -12.62 7.06
CA GLN C 41 4.70 -13.23 6.92
C GLN C 41 4.56 -14.71 6.57
N SER C 42 5.68 -15.29 6.14
N SER C 42 5.68 -15.29 6.15
CA SER C 42 5.73 -16.70 5.82
CA SER C 42 5.73 -16.70 5.82
C SER C 42 5.90 -17.53 7.09
C SER C 42 5.91 -17.54 7.09
N PRO C 43 5.53 -18.82 7.05
CA PRO C 43 5.76 -19.68 8.22
C PRO C 43 7.25 -19.77 8.55
N VAL C 44 7.53 -20.05 9.81
CA VAL C 44 8.89 -20.24 10.29
C VAL C 44 8.94 -21.58 11.04
N LEU C 45 9.93 -22.41 10.70
CA LEU C 45 10.11 -23.67 11.38
C LEU C 45 10.68 -23.43 12.78
N VAL C 46 9.98 -23.89 13.80
CA VAL C 46 10.44 -23.77 15.17
C VAL C 46 10.80 -25.12 15.79
N ILE C 47 10.22 -26.21 15.33
CA ILE C 47 10.54 -27.55 15.82
C ILE C 47 10.47 -28.52 14.66
N TYR C 48 11.41 -29.46 14.61
CA TYR C 48 11.40 -30.53 13.63
C TYR C 48 11.82 -31.83 14.31
N GLN C 49 11.42 -32.95 13.70
CA GLN C 49 11.75 -34.28 14.21
C GLN C 49 11.26 -34.43 15.66
N ASP C 50 10.01 -34.04 15.89
CA ASP C 50 9.35 -34.12 17.19
C ASP C 50 9.90 -33.12 18.20
N THR C 51 11.22 -33.04 18.34
CA THR C 51 11.84 -32.37 19.49
C THR C 51 12.93 -31.37 19.15
N MET C 52 13.42 -31.32 17.92
CA MET C 52 14.63 -30.58 17.60
C MET C 52 14.32 -29.13 17.29
N ARG C 53 15.17 -28.22 17.82
CA ARG C 53 15.07 -26.80 17.54
C ARG C 53 16.03 -26.41 16.43
N PRO C 54 15.57 -25.74 15.38
CA PRO C 54 16.51 -25.20 14.39
C PRO C 54 17.39 -24.13 15.01
N SER C 55 18.57 -23.95 14.40
CA SER C 55 19.48 -22.91 14.87
C SER C 55 18.83 -21.54 14.69
N GLY C 56 18.93 -20.72 15.72
CA GLY C 56 18.33 -19.40 15.72
C GLY C 56 16.99 -19.31 16.42
N ILE C 57 16.41 -20.44 16.79
CA ILE C 57 15.11 -20.47 17.48
C ILE C 57 15.34 -20.36 18.98
N PRO C 58 14.58 -19.56 19.71
CA PRO C 58 14.79 -19.46 21.15
C PRO C 58 14.60 -20.80 21.85
N GLU C 59 15.31 -20.95 22.98
CA GLU C 59 15.29 -22.21 23.71
C GLU C 59 13.97 -22.44 24.44
N ARG C 60 13.17 -21.39 24.62
CA ARG C 60 11.87 -21.56 25.27
C ARG C 60 10.92 -22.44 24.48
N PHE C 61 11.20 -22.70 23.21
CA PHE C 61 10.39 -23.60 22.39
C PHE C 61 10.88 -25.03 22.57
N SER C 62 9.95 -25.94 22.85
CA SER C 62 10.27 -27.36 22.92
C SER C 62 9.10 -28.16 22.40
N GLY C 63 9.40 -29.38 21.94
CA GLY C 63 8.39 -30.23 21.36
C GLY C 63 8.45 -31.64 21.94
N SER C 64 7.33 -32.36 21.79
CA SER C 64 7.24 -33.74 22.23
C SER C 64 6.23 -34.46 21.36
N ASN C 65 6.35 -35.78 21.30
CA ASN C 65 5.43 -36.61 20.52
C ASN C 65 5.37 -37.99 21.17
N SER C 66 4.22 -38.33 21.73
CA SER C 66 4.02 -39.62 22.36
C SER C 66 2.53 -39.81 22.62
N GLY C 67 2.11 -41.08 22.67
CA GLY C 67 0.70 -41.37 22.84
C GLY C 67 -0.18 -40.76 21.77
N ASN C 68 0.36 -40.58 20.57
CA ASN C 68 -0.35 -40.01 19.43
C ASN C 68 -0.73 -38.55 19.64
N ILE C 69 -0.05 -37.85 20.54
CA ILE C 69 -0.26 -36.42 20.76
C ILE C 69 1.10 -35.74 20.66
N ALA C 70 1.28 -34.92 19.63
CA ALA C 70 2.43 -34.02 19.56
C ALA C 70 2.09 -32.74 20.30
N THR C 71 3.08 -32.20 21.01
CA THR C 71 2.89 -31.02 21.84
C THR C 71 4.01 -30.03 21.60
N LEU C 72 3.64 -28.78 21.32
CA LEU C 72 4.57 -27.66 21.30
C LEU C 72 4.41 -26.90 22.61
N THR C 73 5.52 -26.70 23.31
CA THR C 73 5.53 -26.00 24.60
C THR C 73 6.40 -24.74 24.49
N ILE C 74 5.89 -23.64 25.02
CA ILE C 74 6.62 -22.38 25.12
C ILE C 74 6.69 -21.99 26.58
N SER C 75 7.91 -21.77 27.08
CA SER C 75 8.14 -21.31 28.45
C SER C 75 8.53 -19.83 28.43
N GLY C 76 8.09 -19.10 29.44
CA GLY C 76 8.37 -17.68 29.50
C GLY C 76 7.91 -16.96 28.24
N THR C 77 6.66 -17.21 27.84
CA THR C 77 6.13 -16.65 26.61
C THR C 77 6.30 -15.14 26.58
N GLN C 78 6.82 -14.64 25.47
CA GLN C 78 6.98 -13.20 25.24
C GLN C 78 5.87 -12.69 24.33
N ALA C 79 5.74 -11.36 24.28
CA ALA C 79 4.74 -10.75 23.40
C ALA C 79 4.98 -11.15 21.95
N VAL C 80 6.25 -11.22 21.54
CA VAL C 80 6.61 -11.57 20.18
C VAL C 80 6.15 -12.98 19.79
N ASP C 81 5.77 -13.80 20.77
CA ASP C 81 5.36 -15.18 20.49
C ASP C 81 3.92 -15.30 20.02
N GLU C 82 3.13 -14.22 20.06
CA GLU C 82 1.76 -14.27 19.56
C GLU C 82 1.77 -14.55 18.07
N ALA C 83 1.08 -15.63 17.68
CA ALA C 83 1.09 -16.06 16.28
C ALA C 83 0.21 -17.27 16.08
N ASP C 84 0.09 -17.72 14.83
CA ASP C 84 -0.54 -18.99 14.52
C ASP C 84 0.53 -20.07 14.47
N TYR C 85 0.21 -21.24 15.04
CA TYR C 85 1.13 -22.37 15.07
C TYR C 85 0.49 -23.57 14.41
N TYR C 86 1.24 -24.20 13.50
CA TYR C 86 0.75 -25.34 12.74
C TYR C 86 1.65 -26.54 12.99
N CYS C 87 1.04 -27.69 13.29
CA CYS C 87 1.79 -28.94 13.29
C CYS C 87 1.71 -29.58 11.91
N GLN C 88 2.67 -30.47 11.65
CA GLN C 88 2.83 -31.06 10.34
C GLN C 88 3.50 -32.42 10.49
N ALA C 89 3.00 -33.41 9.75
CA ALA C 89 3.54 -34.76 9.82
C ALA C 89 3.55 -35.35 8.41
N TRP C 90 3.87 -36.63 8.31
CA TRP C 90 3.88 -37.37 7.06
C TRP C 90 2.94 -38.57 7.20
N ASP C 91 1.78 -38.49 6.55
CA ASP C 91 0.88 -39.64 6.46
C ASP C 91 1.44 -40.60 5.42
N GLY C 92 2.55 -41.24 5.79
CA GLY C 92 3.32 -42.03 4.85
C GLY C 92 4.23 -41.16 4.02
N SER C 93 3.89 -40.99 2.74
CA SER C 93 4.64 -40.15 1.84
C SER C 93 4.05 -38.76 1.66
N THR C 94 2.80 -38.55 2.07
CA THR C 94 2.09 -37.29 1.89
CA THR C 94 2.11 -37.28 1.89
C THR C 94 2.18 -36.45 3.16
N VAL C 95 2.41 -35.15 3.00
CA VAL C 95 2.47 -34.23 4.12
C VAL C 95 1.06 -33.82 4.52
N VAL C 96 0.82 -33.71 5.82
CA VAL C 96 -0.45 -33.25 6.36
C VAL C 96 -0.16 -32.17 7.39
N PHE C 97 -0.97 -31.12 7.36
CA PHE C 97 -0.90 -30.02 8.31
C PHE C 97 -2.10 -30.09 9.26
N GLY C 98 -1.87 -29.75 10.51
CA GLY C 98 -2.97 -29.49 11.42
C GLY C 98 -3.69 -28.21 11.03
N GLY C 99 -4.88 -28.03 11.60
CA GLY C 99 -5.71 -26.89 11.27
C GLY C 99 -5.20 -25.56 11.80
N GLY C 100 -4.21 -25.59 12.67
CA GLY C 100 -3.62 -24.36 13.18
C GLY C 100 -4.20 -23.96 14.52
N THR C 101 -3.36 -23.32 15.35
CA THR C 101 -3.75 -22.82 16.66
C THR C 101 -3.30 -21.37 16.76
N ARG C 102 -4.25 -20.46 17.01
CA ARG C 102 -3.92 -19.07 17.21
C ARG C 102 -3.57 -18.84 18.68
N LEU C 103 -2.34 -18.47 18.94
CA LEU C 103 -1.84 -18.24 20.29
C LEU C 103 -1.81 -16.74 20.56
N THR C 104 -2.60 -16.29 21.53
CA THR C 104 -2.70 -14.88 21.86
C THR C 104 -1.95 -14.60 23.16
N VAL C 105 -1.12 -13.57 23.14
CA VAL C 105 -0.27 -13.20 24.27
C VAL C 105 -0.75 -11.82 24.74
N LEU C 106 -1.50 -11.80 25.84
CA LEU C 106 -2.15 -10.59 26.32
C LEU C 106 -1.08 -9.60 26.79
N GLY C 107 -0.83 -8.57 25.98
CA GLY C 107 0.04 -7.47 26.37
C GLY C 107 -0.76 -6.22 26.66
N GLN C 108 -1.95 -6.41 27.21
CA GLN C 108 -2.91 -5.35 27.45
C GLN C 108 -4.10 -5.99 28.16
N PRO C 109 -4.86 -5.26 28.98
CA PRO C 109 -6.07 -5.85 29.55
C PRO C 109 -7.08 -6.15 28.46
N LYS C 110 -7.90 -7.18 28.70
CA LYS C 110 -8.98 -7.50 27.79
C LYS C 110 -9.91 -6.31 27.63
N ALA C 111 -10.37 -6.07 26.41
CA ALA C 111 -11.31 -4.99 26.11
C ALA C 111 -12.36 -5.54 25.17
N ALA C 112 -13.61 -5.57 25.62
CA ALA C 112 -14.69 -6.13 24.81
C ALA C 112 -15.02 -5.18 23.66
N PRO C 113 -15.54 -5.71 22.56
CA PRO C 113 -15.93 -4.85 21.45
C PRO C 113 -17.21 -4.10 21.73
N SER C 114 -17.31 -2.90 21.18
CA SER C 114 -18.60 -2.27 20.96
C SER C 114 -19.15 -2.82 19.65
N VAL C 115 -20.42 -3.25 19.67
CA VAL C 115 -21.01 -3.98 18.56
C VAL C 115 -22.11 -3.12 17.94
N PHE C 116 -21.98 -2.90 16.63
CA PHE C 116 -22.94 -2.10 15.88
C PHE C 116 -23.41 -2.92 14.67
N ILE C 117 -24.65 -2.68 14.25
CA ILE C 117 -25.23 -3.43 13.14
C ILE C 117 -25.89 -2.45 12.17
N PHE C 118 -25.76 -2.75 10.88
CA PHE C 118 -26.27 -1.89 9.81
C PHE C 118 -27.16 -2.72 8.90
N PRO C 119 -28.46 -2.42 8.79
CA PRO C 119 -29.27 -3.05 7.76
C PRO C 119 -28.78 -2.66 6.38
N PRO C 120 -29.20 -3.37 5.34
CA PRO C 120 -28.85 -2.92 3.98
C PRO C 120 -29.49 -1.58 3.68
N SER C 121 -28.79 -0.77 2.89
CA SER C 121 -29.36 0.48 2.43
C SER C 121 -30.53 0.18 1.50
N ASP C 122 -31.52 1.07 1.53
CA ASP C 122 -32.65 0.93 0.61
C ASP C 122 -32.20 0.90 -0.83
N GLU C 123 -31.16 1.69 -1.15
CA GLU C 123 -30.64 1.73 -2.52
C GLU C 123 -30.16 0.35 -2.96
N GLN C 124 -29.36 -0.31 -2.13
CA GLN C 124 -28.87 -1.64 -2.50
C GLN C 124 -30.01 -2.64 -2.54
N LEU C 125 -30.87 -2.62 -1.53
CA LEU C 125 -31.90 -3.64 -1.42
C LEU C 125 -32.81 -3.66 -2.65
N LYS C 126 -33.25 -2.48 -3.09
CA LYS C 126 -34.16 -2.44 -4.23
C LYS C 126 -33.48 -2.89 -5.51
N SER C 127 -32.15 -2.75 -5.58
CA SER C 127 -31.40 -3.20 -6.75
C SER C 127 -31.21 -4.71 -6.77
N GLY C 128 -31.61 -5.42 -5.71
CA GLY C 128 -31.64 -6.88 -5.74
C GLY C 128 -30.75 -7.58 -4.74
N THR C 129 -29.98 -6.88 -3.90
CA THR C 129 -29.06 -7.53 -2.98
C THR C 129 -29.14 -6.86 -1.62
N ALA C 130 -28.98 -7.66 -0.57
CA ALA C 130 -29.01 -7.18 0.81
C ALA C 130 -27.68 -7.53 1.48
N SER C 131 -26.88 -6.52 1.78
CA SER C 131 -25.67 -6.66 2.58
C SER C 131 -25.94 -6.14 3.98
N VAL C 132 -25.83 -7.03 4.96
CA VAL C 132 -26.00 -6.68 6.37
C VAL C 132 -24.61 -6.69 7.01
N VAL C 133 -24.27 -5.62 7.72
CA VAL C 133 -22.92 -5.44 8.26
C VAL C 133 -23.00 -5.39 9.78
N CYS C 134 -22.11 -6.14 10.43
CA CYS C 134 -21.93 -6.11 11.87
C CYS C 134 -20.51 -5.63 12.14
N LEU C 135 -20.39 -4.59 12.97
CA LEU C 135 -19.11 -3.98 13.29
C LEU C 135 -18.75 -4.25 14.74
N LEU C 136 -17.56 -4.82 14.95
CA LEU C 136 -16.97 -4.98 16.27
C LEU C 136 -15.82 -3.99 16.38
N ASN C 137 -15.97 -2.98 17.23
CA ASN C 137 -15.05 -1.85 17.25
C ASN C 137 -14.16 -1.86 18.48
N ASN C 138 -12.85 -1.77 18.25
CA ASN C 138 -11.86 -1.48 19.29
C ASN C 138 -11.91 -2.50 20.43
N PHE C 139 -11.53 -3.73 20.09
CA PHE C 139 -11.49 -4.82 21.04
C PHE C 139 -10.09 -5.41 21.13
N TYR C 140 -9.83 -6.11 22.24
CA TYR C 140 -8.55 -6.74 22.48
C TYR C 140 -8.82 -7.93 23.39
N PRO C 141 -8.28 -9.12 23.09
CA PRO C 141 -7.36 -9.44 22.01
C PRO C 141 -8.04 -9.64 20.65
N ARG C 142 -7.26 -10.09 19.66
CA ARG C 142 -7.74 -10.14 18.29
C ARG C 142 -8.85 -11.17 18.12
N GLU C 143 -8.77 -12.30 18.82
CA GLU C 143 -9.71 -13.39 18.59
C GLU C 143 -11.13 -12.96 18.93
N ALA C 144 -12.03 -13.17 17.96
CA ALA C 144 -13.45 -12.89 18.16
C ALA C 144 -14.23 -13.71 17.14
N LYS C 145 -15.39 -14.22 17.55
CA LYS C 145 -16.27 -14.98 16.67
C LYS C 145 -17.57 -14.22 16.47
N VAL C 146 -18.06 -14.23 15.23
CA VAL C 146 -19.33 -13.60 14.87
C VAL C 146 -20.23 -14.68 14.30
N GLN C 147 -21.45 -14.76 14.82
CA GLN C 147 -22.45 -15.71 14.34
C GLN C 147 -23.69 -14.94 13.91
N TRP C 148 -24.04 -15.06 12.64
CA TRP C 148 -25.25 -14.43 12.12
C TRP C 148 -26.46 -15.32 12.36
N LYS C 149 -27.59 -14.70 12.69
CA LYS C 149 -28.85 -15.42 12.85
C LYS C 149 -29.94 -14.65 12.13
N VAL C 150 -30.74 -15.36 11.35
CA VAL C 150 -31.89 -14.79 10.63
C VAL C 150 -33.13 -15.50 11.14
N ASP C 151 -34.03 -14.75 11.76
CA ASP C 151 -35.20 -15.32 12.44
C ASP C 151 -34.78 -16.51 13.31
N ASN C 152 -33.68 -16.34 14.03
CA ASN C 152 -33.10 -17.30 14.98
C ASN C 152 -32.36 -18.43 14.27
N ALA C 153 -32.35 -18.49 12.94
CA ALA C 153 -31.68 -19.55 12.21
C ALA C 153 -30.22 -19.17 11.99
N LEU C 154 -29.31 -19.97 12.53
CA LEU C 154 -27.89 -19.72 12.35
C LEU C 154 -27.52 -19.80 10.86
N GLN C 155 -26.63 -18.90 10.45
CA GLN C 155 -26.20 -18.80 9.07
C GLN C 155 -24.79 -19.36 8.91
N SER C 156 -24.53 -19.94 7.74
CA SER C 156 -23.22 -20.46 7.41
CA SER C 156 -23.21 -20.45 7.41
C SER C 156 -23.01 -20.38 5.90
N GLY C 157 -21.83 -19.91 5.50
CA GLY C 157 -21.46 -19.88 4.10
C GLY C 157 -21.84 -18.63 3.34
N ASN C 158 -22.52 -17.67 3.98
CA ASN C 158 -22.96 -16.46 3.30
C ASN C 158 -22.46 -15.20 3.98
N SER C 159 -21.35 -15.29 4.71
CA SER C 159 -20.76 -14.14 5.37
C SER C 159 -19.25 -14.14 5.15
N GLN C 160 -18.66 -12.95 5.26
CA GLN C 160 -17.23 -12.79 5.19
C GLN C 160 -16.80 -11.75 6.21
N GLU C 161 -15.59 -11.94 6.75
CA GLU C 161 -15.04 -11.09 7.80
C GLU C 161 -13.77 -10.42 7.31
N SER C 162 -13.51 -9.24 7.86
CA SER C 162 -12.26 -8.51 7.65
C SER C 162 -11.88 -7.85 8.96
N VAL C 163 -10.57 -7.81 9.24
CA VAL C 163 -10.06 -7.27 10.50
CA VAL C 163 -10.07 -7.26 10.50
C VAL C 163 -9.00 -6.23 10.19
N THR C 164 -8.95 -5.18 11.01
CA THR C 164 -7.94 -4.15 10.86
C THR C 164 -6.61 -4.62 11.46
N GLU C 165 -5.54 -3.93 11.09
CA GLU C 165 -4.28 -4.14 11.78
C GLU C 165 -4.36 -3.52 13.18
N GLN C 166 -3.48 -3.98 14.06
CA GLN C 166 -3.51 -3.52 15.44
C GLN C 166 -3.29 -2.01 15.50
N ASP C 167 -4.10 -1.33 16.29
CA ASP C 167 -3.94 0.10 16.45
C ASP C 167 -2.65 0.40 17.20
N SER C 168 -1.87 1.35 16.68
CA SER C 168 -0.54 1.60 17.23
C SER C 168 -0.62 2.22 18.63
N LYS C 169 -1.66 3.01 18.90
CA LYS C 169 -1.81 3.69 20.18
C LYS C 169 -2.68 2.92 21.16
N ASP C 170 -3.73 2.26 20.66
CA ASP C 170 -4.66 1.54 21.53
C ASP C 170 -4.30 0.07 21.68
N SER C 171 -3.60 -0.51 20.71
CA SER C 171 -3.36 -1.95 20.62
C SER C 171 -4.63 -2.73 20.30
N THR C 172 -5.71 -2.04 19.95
CA THR C 172 -7.00 -2.69 19.73
C THR C 172 -7.17 -3.06 18.26
N TYR C 173 -8.21 -3.85 18.00
CA TYR C 173 -8.60 -4.26 16.67
C TYR C 173 -10.07 -3.93 16.45
N SER C 174 -10.45 -3.81 15.18
CA SER C 174 -11.84 -3.72 14.79
C SER C 174 -12.10 -4.76 13.70
N LEU C 175 -13.34 -5.25 13.67
CA LEU C 175 -13.71 -6.33 12.76
C LEU C 175 -15.06 -6.01 12.16
N SER C 176 -15.21 -6.32 10.87
CA SER C 176 -16.48 -6.26 10.18
C SER C 176 -16.86 -7.65 9.71
N SER C 177 -18.15 -7.97 9.83
CA SER C 177 -18.72 -9.17 9.25
C SER C 177 -19.89 -8.77 8.36
N THR C 178 -19.89 -9.24 7.12
CA THR C 178 -20.91 -8.89 6.15
C THR C 178 -21.68 -10.14 5.74
N LEU C 179 -22.98 -10.13 6.00
CA LEU C 179 -23.90 -11.16 5.55
C LEU C 179 -24.56 -10.68 4.27
N THR C 180 -24.53 -11.51 3.23
CA THR C 180 -25.09 -11.16 1.93
C THR C 180 -26.22 -12.12 1.59
N LEU C 181 -27.41 -11.56 1.37
CA LEU C 181 -28.56 -12.31 0.91
C LEU C 181 -29.14 -11.62 -0.32
N SER C 182 -29.87 -12.39 -1.12
CA SER C 182 -30.65 -11.77 -2.19
C SER C 182 -31.73 -10.89 -1.59
N LYS C 183 -32.23 -9.96 -2.41
CA LYS C 183 -33.40 -9.18 -1.99
C LYS C 183 -34.53 -10.10 -1.59
N ALA C 184 -34.79 -11.13 -2.42
CA ALA C 184 -35.89 -12.06 -2.14
C ALA C 184 -35.74 -12.68 -0.76
N ASP C 185 -34.60 -13.31 -0.49
CA ASP C 185 -34.42 -13.96 0.80
C ASP C 185 -34.47 -12.96 1.95
N TYR C 186 -33.89 -11.78 1.75
CA TYR C 186 -33.88 -10.80 2.84
C TYR C 186 -35.29 -10.40 3.24
N GLU C 187 -36.18 -10.25 2.26
CA GLU C 187 -37.54 -9.78 2.54
C GLU C 187 -38.45 -10.87 3.09
N LYS C 188 -37.99 -12.14 3.11
CA LYS C 188 -38.79 -13.21 3.68
C LYS C 188 -38.66 -13.31 5.19
N HIS C 189 -37.72 -12.59 5.80
CA HIS C 189 -37.43 -12.75 7.22
C HIS C 189 -37.47 -11.39 7.90
N LYS C 190 -37.62 -11.41 9.23
CA LYS C 190 -37.80 -10.20 10.02
C LYS C 190 -36.58 -9.86 10.87
N VAL C 191 -36.08 -10.79 11.68
CA VAL C 191 -35.08 -10.50 12.70
C VAL C 191 -33.71 -10.86 12.16
N TYR C 192 -32.80 -9.88 12.15
CA TYR C 192 -31.42 -10.07 11.73
C TYR C 192 -30.51 -9.74 12.90
N ALA C 193 -29.61 -10.67 13.23
CA ALA C 193 -28.81 -10.56 14.44
C ALA C 193 -27.41 -11.09 14.20
N CYS C 194 -26.42 -10.43 14.79
CA CYS C 194 -25.05 -10.92 14.84
CA CYS C 194 -25.05 -10.92 14.84
C CYS C 194 -24.67 -11.13 16.31
N GLU C 195 -24.32 -12.36 16.65
CA GLU C 195 -23.93 -12.74 17.99
C GLU C 195 -22.40 -12.71 18.07
N VAL C 196 -21.88 -12.02 19.07
CA VAL C 196 -20.45 -11.80 19.23
C VAL C 196 -19.98 -12.55 20.47
N THR C 197 -18.88 -13.29 20.32
CA THR C 197 -18.19 -13.90 21.45
C THR C 197 -16.77 -13.37 21.49
N HIS C 198 -16.31 -13.02 22.69
CA HIS C 198 -15.01 -12.41 22.86
C HIS C 198 -14.60 -12.56 24.32
N GLN C 199 -13.31 -12.80 24.55
CA GLN C 199 -12.84 -13.05 25.92
C GLN C 199 -13.22 -11.91 26.86
N GLY C 200 -13.33 -10.70 26.35
CA GLY C 200 -13.75 -9.56 27.15
C GLY C 200 -15.22 -9.55 27.52
N LEU C 201 -15.99 -10.51 27.03
CA LEU C 201 -17.42 -10.61 27.31
C LEU C 201 -17.67 -11.78 28.25
N SER C 202 -18.47 -11.53 29.31
CA SER C 202 -18.82 -12.60 30.23
C SER C 202 -19.68 -13.66 29.54
N SER C 203 -20.42 -13.29 28.51
CA SER C 203 -21.23 -14.22 27.75
C SER C 203 -21.45 -13.62 26.36
N PRO C 204 -21.89 -14.44 25.40
CA PRO C 204 -22.14 -13.92 24.05
C PRO C 204 -23.10 -12.75 24.07
N VAL C 205 -22.86 -11.77 23.21
CA VAL C 205 -23.68 -10.57 23.08
C VAL C 205 -24.29 -10.55 21.69
N THR C 206 -25.57 -10.17 21.61
CA THR C 206 -26.31 -10.16 20.36
C THR C 206 -26.79 -8.75 20.07
N LYS C 207 -26.57 -8.30 18.84
CA LYS C 207 -27.08 -7.04 18.33
C LYS C 207 -27.97 -7.36 17.14
N SER C 208 -29.18 -6.80 17.13
CA SER C 208 -30.16 -7.20 16.13
C SER C 208 -31.07 -6.04 15.76
N PHE C 209 -31.79 -6.22 14.66
CA PHE C 209 -32.84 -5.31 14.23
C PHE C 209 -33.93 -6.13 13.55
N ASN C 210 -35.13 -5.58 13.49
CA ASN C 210 -36.22 -6.19 12.74
C ASN C 210 -36.42 -5.41 11.44
N ARG C 211 -36.42 -6.15 10.33
CA ARG C 211 -36.58 -5.55 9.01
C ARG C 211 -37.79 -4.63 8.97
N GLY C 212 -37.54 -3.34 8.75
CA GLY C 212 -38.59 -2.35 8.60
C GLY C 212 -38.82 -1.47 9.80
N GLU C 213 -38.16 -1.71 10.93
CA GLU C 213 -38.38 -0.90 12.11
C GLU C 213 -37.71 0.47 11.95
N CYS C 214 -38.24 1.45 12.68
CA CYS C 214 -37.83 2.84 12.53
C CYS C 214 -38.09 3.30 11.10
N PCA D 1 22.87 -15.42 2.32
CA PCA D 1 22.07 -14.87 1.17
CB PCA D 1 22.80 -15.09 -0.14
CG PCA D 1 23.88 -16.12 0.14
CD PCA D 1 23.94 -16.17 1.65
OE PCA D 1 24.81 -16.78 2.25
C PCA D 1 20.70 -15.51 1.12
O PCA D 1 20.55 -16.71 1.37
H PCA D 1 23.63 -14.96 2.39
HA PCA D 1 21.96 -13.91 1.30
HB2 PCA D 1 22.18 -15.41 -0.83
HB3 PCA D 1 23.20 -14.25 -0.45
HG2 PCA D 1 23.64 -16.99 -0.25
HG3 PCA D 1 24.75 -15.85 -0.24
N VAL D 2 19.74 -14.81 0.50
CA VAL D 2 18.39 -15.34 0.20
C VAL D 2 18.48 -16.67 -0.54
N GLN D 3 17.72 -17.66 -0.06
CA GLN D 3 17.76 -19.01 -0.60
C GLN D 3 16.62 -19.32 -1.55
N LEU D 4 15.49 -18.63 -1.45
CA LEU D 4 14.33 -18.84 -2.30
C LEU D 4 13.70 -17.49 -2.62
N VAL D 5 13.29 -17.31 -3.87
N VAL D 5 13.31 -17.30 -3.88
CA VAL D 5 12.63 -16.09 -4.32
CA VAL D 5 12.61 -16.08 -4.30
C VAL D 5 11.60 -16.47 -5.38
C VAL D 5 11.60 -16.48 -5.36
N GLN D 6 10.36 -16.05 -5.16
CA GLN D 6 9.26 -16.43 -6.05
C GLN D 6 8.89 -15.30 -6.99
N SER D 7 8.13 -15.65 -8.02
CA SER D 7 7.63 -14.69 -8.98
C SER D 7 6.46 -13.92 -8.38
N GLY D 8 6.02 -12.88 -9.10
CA GLY D 8 5.03 -11.95 -8.60
C GLY D 8 3.60 -12.44 -8.75
N ALA D 9 2.67 -11.60 -8.31
CA ALA D 9 1.28 -11.98 -8.21
C ALA D 9 0.68 -12.27 -9.57
N GLU D 10 -0.31 -13.18 -9.59
CA GLU D 10 -0.97 -13.64 -10.81
C GLU D 10 -2.47 -13.48 -10.68
N VAL D 11 -3.12 -13.17 -11.79
CA VAL D 11 -4.57 -13.09 -11.89
C VAL D 11 -4.99 -13.95 -13.08
N LYS D 12 -5.87 -14.93 -12.83
CA LYS D 12 -6.26 -15.88 -13.86
C LYS D 12 -7.76 -16.10 -13.81
N LYS D 13 -8.31 -16.47 -14.96
CA LYS D 13 -9.72 -16.81 -15.06
C LYS D 13 -9.95 -18.29 -14.76
N PRO D 14 -11.13 -18.65 -14.26
CA PRO D 14 -11.44 -20.08 -14.07
C PRO D 14 -11.25 -20.85 -15.36
N GLY D 15 -10.68 -22.05 -15.24
CA GLY D 15 -10.35 -22.88 -16.37
C GLY D 15 -8.94 -22.72 -16.88
N ALA D 16 -8.28 -21.61 -16.57
CA ALA D 16 -6.94 -21.33 -17.06
C ALA D 16 -5.91 -22.04 -16.18
N SER D 17 -4.62 -21.76 -16.42
N SER D 17 -4.63 -21.76 -16.43
CA SER D 17 -3.54 -22.33 -15.64
CA SER D 17 -3.53 -22.31 -15.66
C SER D 17 -2.61 -21.21 -15.19
C SER D 17 -2.65 -21.18 -15.15
N VAL D 18 -1.85 -21.49 -14.14
CA VAL D 18 -0.88 -20.55 -13.60
C VAL D 18 0.42 -21.32 -13.37
N LYS D 19 1.54 -20.66 -13.66
CA LYS D 19 2.87 -21.24 -13.45
C LYS D 19 3.65 -20.30 -12.54
N VAL D 20 3.92 -20.76 -11.32
CA VAL D 20 4.65 -19.98 -10.33
C VAL D 20 6.10 -20.43 -10.33
N SER D 21 7.02 -19.46 -10.31
CA SER D 21 8.44 -19.75 -10.31
CA SER D 21 8.45 -19.72 -10.32
C SER D 21 9.01 -19.59 -8.91
N CYS D 22 10.06 -20.37 -8.63
CA CYS D 22 10.75 -20.36 -7.35
C CYS D 22 12.24 -20.47 -7.65
N LYS D 23 12.92 -19.34 -7.70
CA LYS D 23 14.36 -19.31 -7.95
C LYS D 23 15.10 -19.59 -6.65
N THR D 24 16.03 -20.53 -6.68
CA THR D 24 16.74 -20.94 -5.49
C THR D 24 18.23 -20.68 -5.65
N SER D 25 18.93 -20.69 -4.52
CA SER D 25 20.39 -20.69 -4.57
C SER D 25 20.90 -22.03 -5.09
N GLY D 26 22.15 -22.02 -5.56
CA GLY D 26 22.76 -23.27 -5.95
C GLY D 26 22.80 -24.27 -4.82
N TYR D 27 23.09 -23.79 -3.61
CA TYR D 27 23.13 -24.68 -2.44
C TYR D 27 21.77 -25.34 -2.20
N THR D 28 20.70 -24.54 -2.23
CA THR D 28 19.37 -25.12 -2.00
C THR D 28 18.97 -26.03 -3.15
N PHE D 29 19.24 -25.61 -4.39
CA PHE D 29 18.82 -26.39 -5.55
C PHE D 29 19.39 -27.80 -5.52
N ASN D 30 20.62 -27.96 -5.05
CA ASN D 30 21.32 -29.24 -5.16
C ASN D 30 21.24 -30.10 -3.92
N ASN D 31 20.74 -29.60 -2.80
CA ASN D 31 20.80 -30.34 -1.55
C ASN D 31 19.46 -30.49 -0.83
N TYR D 32 18.37 -29.97 -1.39
CA TYR D 32 17.08 -29.98 -0.72
C TYR D 32 15.99 -30.45 -1.66
N ASP D 33 14.92 -30.98 -1.08
CA ASP D 33 13.65 -31.05 -1.77
C ASP D 33 12.93 -29.71 -1.66
N ILE D 34 11.99 -29.49 -2.57
CA ILE D 34 11.13 -28.30 -2.55
C ILE D 34 9.70 -28.76 -2.36
N ASN D 35 9.05 -28.26 -1.31
CA ASN D 35 7.62 -28.41 -1.10
C ASN D 35 6.89 -27.19 -1.65
N TRP D 36 5.68 -27.42 -2.15
CA TRP D 36 4.75 -26.36 -2.48
C TRP D 36 3.55 -26.44 -1.55
N VAL D 37 3.22 -25.32 -0.92
CA VAL D 37 2.20 -25.23 0.10
C VAL D 37 1.40 -23.96 -0.17
N ARG D 38 0.08 -24.04 -0.11
CA ARG D 38 -0.76 -22.88 -0.37
C ARG D 38 -1.59 -22.54 0.85
N GLN D 39 -2.07 -21.30 0.88
CA GLN D 39 -2.83 -20.78 2.02
C GLN D 39 -3.83 -19.76 1.53
N ALA D 40 -5.12 -20.03 1.73
CA ALA D 40 -6.15 -19.07 1.42
C ALA D 40 -6.34 -18.10 2.58
N ALA D 41 -6.84 -16.90 2.28
CA ALA D 41 -7.00 -15.87 3.29
C ALA D 41 -7.80 -16.40 4.48
N GLY D 42 -7.24 -16.21 5.67
CA GLY D 42 -7.90 -16.65 6.89
C GLY D 42 -7.95 -18.14 7.08
N GLN D 43 -7.28 -18.92 6.23
CA GLN D 43 -7.31 -20.37 6.30
C GLN D 43 -5.91 -20.89 6.61
N GLY D 44 -5.78 -22.22 6.65
CA GLY D 44 -4.56 -22.87 7.06
C GLY D 44 -3.66 -23.21 5.89
N LEU D 45 -2.64 -24.01 6.19
CA LEU D 45 -1.67 -24.45 5.20
C LEU D 45 -2.11 -25.75 4.55
N GLU D 46 -1.97 -25.82 3.22
CA GLU D 46 -2.35 -27.01 2.46
C GLU D 46 -1.19 -27.42 1.57
N TRP D 47 -0.71 -28.64 1.77
CA TRP D 47 0.43 -29.16 1.00
C TRP D 47 -0.03 -29.62 -0.36
N MET D 48 0.72 -29.24 -1.39
CA MET D 48 0.39 -29.62 -2.76
C MET D 48 1.28 -30.74 -3.29
N GLY D 49 2.51 -30.82 -2.85
CA GLY D 49 3.43 -31.83 -3.34
C GLY D 49 4.86 -31.42 -3.10
N TRP D 50 5.76 -32.33 -3.47
CA TRP D 50 7.19 -32.11 -3.34
C TRP D 50 7.88 -32.48 -4.65
N MET D 51 9.09 -31.95 -4.82
CA MET D 51 9.92 -32.30 -5.96
C MET D 51 11.37 -32.10 -5.55
N ASN D 52 12.25 -32.92 -6.12
CA ASN D 52 13.68 -32.76 -5.90
C ASN D 52 14.27 -32.04 -7.10
N PRO D 53 14.79 -30.82 -6.94
CA PRO D 53 15.31 -30.10 -8.11
C PRO D 53 16.43 -30.81 -8.83
N TYR D 54 17.29 -31.53 -8.12
CA TYR D 54 18.42 -32.16 -8.77
C TYR D 54 18.00 -33.39 -9.57
N SER D 55 17.26 -34.31 -8.95
CA SER D 55 16.86 -35.54 -9.63
C SER D 55 15.62 -35.35 -10.49
N GLY D 56 14.75 -34.42 -10.12
CA GLY D 56 13.52 -34.18 -10.86
C GLY D 56 12.38 -35.07 -10.44
N ASN D 57 12.58 -35.94 -9.46
CA ASN D 57 11.50 -36.75 -8.93
C ASN D 57 10.44 -35.86 -8.31
N THR D 58 9.20 -36.35 -8.29
CA THR D 58 8.08 -35.58 -7.78
C THR D 58 7.14 -36.49 -7.00
N GLY D 59 6.29 -35.85 -6.21
CA GLY D 59 5.20 -36.51 -5.53
C GLY D 59 4.10 -35.50 -5.24
N TYR D 60 2.92 -35.70 -5.81
CA TYR D 60 1.83 -34.75 -5.70
C TYR D 60 0.77 -35.26 -4.72
N ALA D 61 0.18 -34.34 -3.98
CA ALA D 61 -0.96 -34.71 -3.14
C ALA D 61 -2.09 -35.22 -4.01
N GLN D 62 -2.82 -36.22 -3.50
CA GLN D 62 -3.92 -36.80 -4.27
C GLN D 62 -4.90 -35.75 -4.73
N LYS D 63 -5.13 -34.72 -3.91
CA LYS D 63 -6.13 -33.70 -4.24
C LYS D 63 -5.78 -32.96 -5.52
N PHE D 64 -4.49 -32.89 -5.87
CA PHE D 64 -4.04 -32.15 -7.04
C PHE D 64 -3.48 -33.02 -8.14
N GLN D 65 -3.28 -34.31 -7.88
CA GLN D 65 -2.77 -35.23 -8.90
C GLN D 65 -3.62 -35.14 -10.16
N GLY D 66 -2.96 -34.91 -11.30
CA GLY D 66 -3.61 -34.81 -12.58
C GLY D 66 -3.77 -33.40 -13.10
N ARG D 67 -3.62 -32.37 -12.24
CA ARG D 67 -3.70 -30.99 -12.70
C ARG D 67 -2.59 -30.13 -12.13
N VAL D 68 -1.51 -30.74 -11.63
CA VAL D 68 -0.34 -29.99 -11.19
C VAL D 68 0.91 -30.67 -11.73
N THR D 69 1.90 -29.87 -12.11
CA THR D 69 3.23 -30.36 -12.41
C THR D 69 4.24 -29.50 -11.67
N MET D 70 5.34 -30.13 -11.30
CA MET D 70 6.48 -29.45 -10.68
C MET D 70 7.70 -29.74 -11.52
N THR D 71 8.27 -28.68 -12.10
CA THR D 71 9.35 -28.79 -13.07
C THR D 71 10.49 -27.89 -12.63
N ARG D 72 11.54 -27.87 -13.45
CA ARG D 72 12.78 -27.20 -13.09
C ARG D 72 13.51 -26.76 -14.35
N ASN D 73 14.36 -25.75 -14.18
CA ASN D 73 15.33 -25.36 -15.20
C ASN D 73 16.67 -25.29 -14.47
N ILE D 74 17.51 -26.31 -14.69
CA ILE D 74 18.77 -26.44 -13.95
C ILE D 74 19.66 -25.23 -14.23
N SER D 75 19.67 -24.76 -15.47
CA SER D 75 20.65 -23.74 -15.87
C SER D 75 20.46 -22.45 -15.09
N ILE D 76 19.26 -22.18 -14.60
CA ILE D 76 18.99 -20.98 -13.82
C ILE D 76 18.46 -21.33 -12.42
N THR D 77 18.73 -22.55 -11.98
CA THR D 77 18.36 -23.04 -10.64
C THR D 77 17.00 -22.51 -10.20
N THR D 78 16.00 -22.70 -11.07
CA THR D 78 14.63 -22.30 -10.79
C THR D 78 13.72 -23.51 -10.90
N VAL D 79 12.77 -23.62 -9.99
CA VAL D 79 11.74 -24.66 -10.03
C VAL D 79 10.40 -23.98 -10.22
N TYR D 80 9.45 -24.75 -10.74
CA TYR D 80 8.15 -24.21 -11.13
C TYR D 80 7.04 -25.14 -10.64
N MET D 81 5.91 -24.55 -10.27
CA MET D 81 4.68 -25.27 -10.00
C MET D 81 3.61 -24.71 -10.93
N GLU D 82 3.01 -25.58 -11.74
CA GLU D 82 1.94 -25.19 -12.65
C GLU D 82 0.67 -25.90 -12.24
N LEU D 83 -0.38 -25.13 -12.01
CA LEU D 83 -1.69 -25.64 -11.61
C LEU D 83 -2.70 -25.28 -12.69
N SER D 84 -3.42 -26.28 -13.18
CA SER D 84 -4.34 -26.10 -14.31
C SER D 84 -5.78 -26.29 -13.85
N SER D 85 -6.70 -26.04 -14.78
CA SER D 85 -8.13 -26.12 -14.52
C SER D 85 -8.49 -25.32 -13.27
N LEU D 86 -8.00 -24.08 -13.22
CA LEU D 86 -8.16 -23.26 -12.04
C LEU D 86 -9.63 -23.00 -11.74
N ARG D 87 -9.95 -22.94 -10.45
CA ARG D 87 -11.27 -22.60 -9.96
C ARG D 87 -11.14 -21.51 -8.90
N SER D 88 -12.26 -20.86 -8.60
N SER D 88 -12.25 -20.86 -8.57
CA SER D 88 -12.26 -19.80 -7.59
CA SER D 88 -12.21 -19.77 -7.60
C SER D 88 -11.59 -20.26 -6.30
C SER D 88 -11.64 -20.24 -6.26
N GLU D 89 -11.84 -21.52 -5.90
CA GLU D 89 -11.30 -22.03 -4.66
C GLU D 89 -9.79 -22.17 -4.67
N ASP D 90 -9.14 -22.00 -5.82
CA ASP D 90 -7.68 -22.04 -5.90
C ASP D 90 -7.04 -20.69 -5.59
N THR D 91 -7.82 -19.64 -5.37
CA THR D 91 -7.26 -18.37 -4.95
C THR D 91 -6.55 -18.56 -3.61
N ALA D 92 -5.27 -18.19 -3.56
CA ALA D 92 -4.46 -18.44 -2.38
C ALA D 92 -3.07 -17.87 -2.61
N VAL D 93 -2.29 -17.80 -1.54
CA VAL D 93 -0.86 -17.54 -1.62
C VAL D 93 -0.16 -18.89 -1.74
N TYR D 94 0.70 -19.01 -2.74
CA TYR D 94 1.42 -20.26 -3.03
C TYR D 94 2.87 -20.09 -2.64
N TYR D 95 3.35 -20.98 -1.76
CA TYR D 95 4.71 -20.93 -1.25
C TYR D 95 5.53 -22.10 -1.77
N CYS D 96 6.79 -21.84 -2.09
CA CYS D 96 7.79 -22.90 -2.17
C CYS D 96 8.62 -22.87 -0.88
N ALA D 97 9.07 -24.05 -0.46
CA ALA D 97 9.82 -24.17 0.78
C ALA D 97 10.76 -25.36 0.65
N ARG D 98 11.97 -25.22 1.18
CA ARG D 98 12.98 -26.26 1.06
C ARG D 98 12.94 -27.18 2.26
N GLU D 99 13.28 -28.45 2.02
CA GLU D 99 13.36 -29.44 3.08
C GLU D 99 14.42 -30.46 2.71
N VAL D 100 15.23 -30.83 3.69
CA VAL D 100 16.28 -31.83 3.49
C VAL D 100 15.76 -33.18 3.95
N ARG D 101 16.18 -34.24 3.25
CA ARG D 101 15.92 -35.62 3.64
C ARG D 101 17.23 -36.19 4.15
N GLY D 102 17.29 -36.46 5.45
CA GLY D 102 18.55 -36.83 6.08
C GLY D 102 18.62 -38.27 6.53
N ASP D 103 18.17 -38.54 7.76
CA ASP D 103 18.31 -39.88 8.34
C ASP D 103 17.27 -40.81 7.74
N THR D 104 17.74 -41.88 7.09
CA THR D 104 16.89 -42.84 6.40
C THR D 104 15.81 -42.11 5.60
N GLY D 105 16.23 -41.07 4.88
CA GLY D 105 15.31 -40.34 4.02
C GLY D 105 14.10 -39.76 4.74
N TYR D 106 14.29 -39.31 5.98
CA TYR D 106 13.24 -38.64 6.73
C TYR D 106 13.50 -37.14 6.77
N GLY D 107 12.43 -36.36 6.63
CA GLY D 107 12.57 -34.93 6.42
C GLY D 107 12.78 -34.17 7.72
N GLY D 108 13.51 -33.05 7.60
CA GLY D 108 13.79 -32.20 8.73
C GLY D 108 12.95 -30.93 8.72
N GLY D 109 11.81 -30.98 8.05
CA GLY D 109 10.90 -29.85 8.01
C GLY D 109 11.32 -28.81 6.99
N SER D 110 10.38 -27.93 6.68
CA SER D 110 10.61 -26.85 5.72
C SER D 110 11.22 -25.68 6.48
N ASP D 111 12.55 -25.54 6.39
CA ASP D 111 13.27 -24.57 7.21
C ASP D 111 13.53 -23.25 6.48
N TYR D 112 13.12 -23.14 5.22
CA TYR D 112 13.25 -21.89 4.49
C TYR D 112 12.09 -21.78 3.53
N TRP D 113 11.41 -20.64 3.55
CA TRP D 113 10.20 -20.42 2.75
C TRP D 113 10.40 -19.22 1.82
N GLY D 114 9.85 -19.32 0.62
CA GLY D 114 9.72 -18.16 -0.23
C GLY D 114 8.75 -17.15 0.36
N GLN D 115 8.66 -15.99 -0.30
CA GLN D 115 7.76 -14.95 0.16
C GLN D 115 6.30 -15.25 -0.15
N GLY D 116 6.04 -16.25 -0.98
CA GLY D 116 4.69 -16.56 -1.42
C GLY D 116 4.33 -15.82 -2.70
N THR D 117 3.44 -16.41 -3.47
CA THR D 117 2.93 -15.82 -4.71
C THR D 117 1.41 -15.83 -4.63
N LEU D 118 0.81 -14.64 -4.67
CA LEU D 118 -0.64 -14.55 -4.68
C LEU D 118 -1.18 -14.91 -6.07
N VAL D 119 -2.10 -15.86 -6.10
CA VAL D 119 -2.81 -16.23 -7.32
C VAL D 119 -4.28 -15.97 -7.08
N THR D 120 -4.85 -15.04 -7.84
CA THR D 120 -6.26 -14.68 -7.75
C THR D 120 -6.97 -15.28 -8.96
N VAL D 121 -7.94 -16.16 -8.71
CA VAL D 121 -8.72 -16.79 -9.76
C VAL D 121 -10.09 -16.13 -9.76
N SER D 122 -10.40 -15.40 -10.84
CA SER D 122 -11.68 -14.71 -10.96
C SER D 122 -12.01 -14.52 -12.43
N SER D 123 -13.30 -14.64 -12.76
CA SER D 123 -13.79 -14.38 -14.10
C SER D 123 -13.97 -12.88 -14.39
N ALA D 124 -13.70 -12.02 -13.41
CA ALA D 124 -14.11 -10.63 -13.51
C ALA D 124 -13.21 -9.84 -14.46
N SER D 125 -13.83 -8.89 -15.16
CA SER D 125 -13.11 -7.83 -15.84
C SER D 125 -13.03 -6.61 -14.93
N THR D 126 -12.21 -5.64 -15.33
CA THR D 126 -12.12 -4.40 -14.58
C THR D 126 -13.51 -3.80 -14.40
N LYS D 127 -13.83 -3.45 -13.15
CA LYS D 127 -15.15 -2.96 -12.79
C LYS D 127 -15.04 -2.04 -11.59
N GLY D 128 -15.71 -0.91 -11.65
CA GLY D 128 -15.73 0.03 -10.54
C GLY D 128 -16.75 -0.35 -9.48
N PRO D 129 -16.54 0.12 -8.26
CA PRO D 129 -17.43 -0.27 -7.16
C PRO D 129 -18.76 0.47 -7.19
N SER D 130 -19.76 -0.17 -6.60
CA SER D 130 -20.95 0.51 -6.12
C SER D 130 -20.72 0.87 -4.67
N VAL D 131 -21.08 2.10 -4.29
CA VAL D 131 -20.84 2.61 -2.94
C VAL D 131 -22.19 2.81 -2.28
N PHE D 132 -22.41 2.17 -1.14
CA PHE D 132 -23.66 2.26 -0.42
C PHE D 132 -23.41 2.80 0.99
N PRO D 133 -24.32 3.61 1.53
CA PRO D 133 -24.12 4.13 2.88
C PRO D 133 -24.36 3.07 3.94
N LEU D 134 -23.56 3.14 5.00
CA LEU D 134 -23.83 2.42 6.23
C LEU D 134 -24.39 3.49 7.17
N ALA D 135 -25.72 3.64 7.14
CA ALA D 135 -26.33 4.81 7.73
C ALA D 135 -26.33 4.69 9.26
N PRO D 136 -26.01 5.77 9.96
CA PRO D 136 -26.13 5.74 11.43
C PRO D 136 -27.58 5.64 11.85
N SER D 137 -27.82 4.86 12.90
CA SER D 137 -29.16 4.64 13.42
C SER D 137 -29.06 4.30 14.91
N SER D 138 -30.21 4.07 15.52
CA SER D 138 -30.23 3.67 16.93
C SER D 138 -29.48 2.37 17.16
N LYS D 139 -29.27 1.57 16.11
CA LYS D 139 -28.57 0.29 16.22
C LYS D 139 -27.07 0.41 15.95
N SER D 140 -26.57 1.62 15.68
CA SER D 140 -25.14 1.84 15.48
C SER D 140 -24.64 2.95 16.40
N THR D 141 -25.30 3.17 17.53
CA THR D 141 -24.88 4.16 18.50
C THR D 141 -24.53 3.48 19.83
N SER D 142 -23.61 4.11 20.56
CA SER D 142 -23.29 3.73 21.93
C SER D 142 -23.14 5.02 22.71
N GLY D 143 -24.06 5.25 23.65
CA GLY D 143 -24.07 6.54 24.33
C GLY D 143 -24.17 7.66 23.32
N GLY D 144 -23.29 8.65 23.45
CA GLY D 144 -23.23 9.77 22.55
C GLY D 144 -22.38 9.56 21.31
N THR D 145 -22.01 8.33 21.00
CA THR D 145 -21.16 8.02 19.85
C THR D 145 -21.97 7.23 18.82
N ALA D 146 -21.88 7.65 17.57
CA ALA D 146 -22.55 6.99 16.47
C ALA D 146 -21.53 6.44 15.48
N ALA D 147 -21.77 5.22 15.00
CA ALA D 147 -20.96 4.63 13.94
C ALA D 147 -21.69 4.76 12.60
N LEU D 148 -20.92 5.09 11.56
CA LEU D 148 -21.44 5.16 10.21
C LEU D 148 -20.31 4.77 9.26
N GLY D 149 -20.64 4.63 7.99
CA GLY D 149 -19.62 4.25 7.03
C GLY D 149 -20.16 4.15 5.63
N CYS D 150 -19.37 3.51 4.76
CA CYS D 150 -19.87 3.17 3.45
CA CYS D 150 -19.73 3.23 3.38
C CYS D 150 -19.31 1.82 3.02
N LEU D 151 -20.16 1.09 2.32
CA LEU D 151 -19.85 -0.22 1.77
C LEU D 151 -19.42 -0.04 0.33
N VAL D 152 -18.21 -0.48 0.01
CA VAL D 152 -17.63 -0.34 -1.32
C VAL D 152 -17.64 -1.73 -1.94
N LYS D 153 -18.62 -2.01 -2.80
CA LYS D 153 -18.93 -3.36 -3.20
C LYS D 153 -18.76 -3.59 -4.70
N ASP D 154 -18.26 -4.78 -5.04
CA ASP D 154 -18.25 -5.32 -6.40
C ASP D 154 -17.33 -4.58 -7.34
N TYR D 155 -16.04 -4.51 -7.00
CA TYR D 155 -15.04 -3.90 -7.86
C TYR D 155 -13.93 -4.90 -8.15
N PHE D 156 -13.15 -4.59 -9.21
CA PHE D 156 -12.05 -5.46 -9.61
C PHE D 156 -11.15 -4.67 -10.55
N PRO D 157 -9.81 -4.80 -10.43
CA PRO D 157 -9.06 -5.51 -9.40
C PRO D 157 -8.82 -4.62 -8.19
N GLU D 158 -7.97 -5.07 -7.26
CA GLU D 158 -7.47 -4.18 -6.23
C GLU D 158 -6.60 -3.11 -6.86
N PRO D 159 -6.39 -1.97 -6.16
CA PRO D 159 -6.94 -1.60 -4.86
C PRO D 159 -7.93 -0.44 -4.93
N VAL D 160 -8.54 -0.12 -3.80
N VAL D 160 -8.54 -0.13 -3.79
CA VAL D 160 -9.38 1.06 -3.66
CA VAL D 160 -9.38 1.05 -3.63
C VAL D 160 -8.94 1.80 -2.42
C VAL D 160 -8.91 1.80 -2.42
N THR D 161 -9.07 3.12 -2.46
CA THR D 161 -8.77 3.98 -1.32
C THR D 161 -10.03 4.73 -0.91
N VAL D 162 -10.14 4.99 0.38
CA VAL D 162 -11.28 5.69 0.95
C VAL D 162 -10.77 6.78 1.88
N SER D 163 -11.34 7.97 1.76
CA SER D 163 -11.15 9.04 2.73
C SER D 163 -12.52 9.54 3.15
N TRP D 164 -12.54 10.41 4.15
CA TRP D 164 -13.78 10.97 4.68
C TRP D 164 -13.69 12.49 4.68
N ASN D 165 -14.71 13.13 4.12
CA ASN D 165 -14.76 14.59 4.06
C ASN D 165 -13.49 15.16 3.44
N SER D 166 -13.05 14.52 2.35
CA SER D 166 -11.88 14.98 1.60
C SER D 166 -10.63 15.01 2.46
N GLY D 167 -10.53 14.09 3.42
CA GLY D 167 -9.37 14.01 4.29
C GLY D 167 -9.47 14.78 5.59
N ALA D 168 -10.54 15.57 5.76
CA ALA D 168 -10.67 16.35 7.00
C ALA D 168 -11.06 15.47 8.18
N LEU D 169 -11.56 14.26 7.94
CA LEU D 169 -12.01 13.36 9.00
C LEU D 169 -11.13 12.12 8.98
N THR D 170 -10.30 11.97 10.01
CA THR D 170 -9.36 10.85 10.12
C THR D 170 -9.48 10.11 11.45
N SER D 171 -9.77 10.81 12.54
CA SER D 171 -9.89 10.15 13.84
C SER D 171 -11.10 9.23 13.85
N GLY D 172 -10.89 8.00 14.32
CA GLY D 172 -11.97 7.04 14.42
C GLY D 172 -12.30 6.29 13.15
N VAL D 173 -11.56 6.53 12.07
CA VAL D 173 -11.82 5.87 10.79
C VAL D 173 -11.14 4.51 10.79
N HIS D 174 -11.88 3.47 10.40
CA HIS D 174 -11.35 2.14 10.15
C HIS D 174 -11.77 1.75 8.74
N THR D 175 -10.80 1.64 7.84
CA THR D 175 -11.05 1.12 6.50
C THR D 175 -10.50 -0.30 6.44
N PHE D 176 -11.41 -1.26 6.26
CA PHE D 176 -11.04 -2.66 6.39
C PHE D 176 -10.39 -3.17 5.10
N PRO D 177 -9.50 -4.16 5.23
CA PRO D 177 -9.01 -4.85 4.03
C PRO D 177 -10.16 -5.46 3.27
N ALA D 178 -10.04 -5.44 1.95
CA ALA D 178 -11.07 -6.03 1.10
C ALA D 178 -11.12 -7.54 1.25
N VAL D 179 -12.29 -8.10 0.97
CA VAL D 179 -12.47 -9.54 0.82
C VAL D 179 -12.83 -9.81 -0.64
N LEU D 180 -12.42 -10.98 -1.12
CA LEU D 180 -12.82 -11.45 -2.45
C LEU D 180 -14.09 -12.29 -2.28
N GLN D 181 -15.17 -11.85 -2.92
CA GLN D 181 -16.45 -12.53 -2.82
C GLN D 181 -16.48 -13.75 -3.74
N SER D 182 -17.47 -14.61 -3.50
CA SER D 182 -17.65 -15.80 -4.35
C SER D 182 -17.95 -15.42 -5.79
N SER D 183 -18.38 -14.17 -6.03
CA SER D 183 -18.63 -13.68 -7.37
C SER D 183 -17.36 -13.36 -8.14
N GLY D 184 -16.20 -13.34 -7.49
CA GLY D 184 -14.97 -12.92 -8.12
C GLY D 184 -14.71 -11.44 -8.05
N LEU D 185 -15.56 -10.67 -7.37
CA LEU D 185 -15.39 -9.24 -7.18
C LEU D 185 -15.06 -8.94 -5.72
N TYR D 186 -14.31 -7.86 -5.50
CA TYR D 186 -13.92 -7.46 -4.17
C TYR D 186 -15.00 -6.61 -3.52
N SER D 187 -14.92 -6.52 -2.20
CA SER D 187 -15.80 -5.67 -1.41
C SER D 187 -15.05 -5.26 -0.14
N LEU D 188 -15.25 -4.03 0.30
CA LEU D 188 -14.74 -3.60 1.59
C LEU D 188 -15.68 -2.58 2.17
N SER D 189 -15.48 -2.29 3.46
N SER D 189 -15.47 -2.28 3.45
CA SER D 189 -16.22 -1.26 4.16
CA SER D 189 -16.22 -1.26 4.16
C SER D 189 -15.25 -0.30 4.82
C SER D 189 -15.27 -0.30 4.84
N SER D 190 -15.69 0.96 4.96
CA SER D 190 -14.97 1.97 5.71
C SER D 190 -15.96 2.52 6.72
N VAL D 191 -15.56 2.56 7.99
CA VAL D 191 -16.44 3.05 9.04
C VAL D 191 -15.72 4.12 9.85
N VAL D 192 -16.52 4.94 10.52
CA VAL D 192 -16.00 5.99 11.40
C VAL D 192 -16.98 6.17 12.55
N THR D 193 -16.46 6.46 13.73
CA THR D 193 -17.27 6.81 14.88
C THR D 193 -17.19 8.32 15.10
N VAL D 194 -18.35 8.92 15.35
CA VAL D 194 -18.46 10.37 15.50
C VAL D 194 -19.42 10.67 16.64
N PRO D 195 -19.38 11.89 17.17
CA PRO D 195 -20.40 12.28 18.16
C PRO D 195 -21.78 12.26 17.52
N SER D 196 -22.72 11.60 18.20
N SER D 196 -22.72 11.60 18.20
CA SER D 196 -24.08 11.53 17.68
CA SER D 196 -24.08 11.54 17.67
C SER D 196 -24.68 12.93 17.52
C SER D 196 -24.69 12.93 17.54
N SER D 197 -24.30 13.86 18.40
CA SER D 197 -24.83 15.22 18.31
C SER D 197 -24.46 15.90 16.99
N SER D 198 -23.42 15.41 16.30
CA SER D 198 -23.00 16.02 15.05
C SER D 198 -23.82 15.56 13.85
N LEU D 199 -24.69 14.56 14.01
CA LEU D 199 -25.38 14.00 12.87
C LEU D 199 -26.38 14.99 12.26
N GLY D 200 -26.95 15.86 13.08
CA GLY D 200 -27.87 16.85 12.54
C GLY D 200 -27.21 18.05 11.91
N THR D 201 -25.90 18.23 12.11
CA THR D 201 -25.23 19.46 11.71
C THR D 201 -23.99 19.25 10.84
N GLN D 202 -23.36 18.09 10.86
CA GLN D 202 -22.13 17.83 10.11
C GLN D 202 -22.42 16.87 8.98
N THR D 203 -22.01 17.26 7.76
CA THR D 203 -22.11 16.39 6.61
CA THR D 203 -22.11 16.38 6.61
C THR D 203 -20.98 15.37 6.65
N TYR D 204 -21.31 14.11 6.33
CA TYR D 204 -20.33 13.03 6.27
C TYR D 204 -20.36 12.43 4.88
N ILE D 205 -19.24 12.53 4.18
CA ILE D 205 -19.10 12.04 2.82
C ILE D 205 -17.85 11.16 2.78
N CYS D 206 -18.00 9.94 2.27
CA CYS D 206 -16.86 9.07 2.04
C CYS D 206 -16.42 9.22 0.60
N ASN D 207 -15.12 9.43 0.41
CA ASN D 207 -14.53 9.65 -0.92
C ASN D 207 -13.83 8.36 -1.33
N VAL D 208 -14.35 7.71 -2.37
CA VAL D 208 -13.85 6.42 -2.83
C VAL D 208 -13.18 6.61 -4.18
N ASN D 209 -11.96 6.08 -4.31
CA ASN D 209 -11.23 6.10 -5.58
C ASN D 209 -10.78 4.69 -5.92
N HIS D 210 -11.25 4.19 -7.06
CA HIS D 210 -10.84 2.91 -7.64
C HIS D 210 -10.10 3.24 -8.93
N LYS D 211 -8.79 3.47 -8.82
CA LYS D 211 -8.04 3.93 -9.98
C LYS D 211 -8.05 2.94 -11.14
N PRO D 212 -8.04 1.61 -10.95
CA PRO D 212 -8.01 0.71 -12.11
C PRO D 212 -9.17 0.92 -13.06
N SER D 213 -10.34 1.33 -12.57
CA SER D 213 -11.46 1.67 -13.42
C SER D 213 -11.68 3.18 -13.54
N ASN D 214 -10.78 3.98 -12.94
CA ASN D 214 -10.91 5.43 -12.89
C ASN D 214 -12.28 5.84 -12.36
N THR D 215 -12.76 5.13 -11.35
CA THR D 215 -14.04 5.42 -10.72
C THR D 215 -13.80 6.23 -9.45
N LYS D 216 -14.40 7.42 -9.40
N LYS D 216 -14.40 7.42 -9.40
CA LYS D 216 -14.34 8.29 -8.23
CA LYS D 216 -14.34 8.29 -8.23
C LYS D 216 -15.76 8.58 -7.78
C LYS D 216 -15.75 8.59 -7.77
N VAL D 217 -16.05 8.29 -6.51
CA VAL D 217 -17.39 8.42 -5.95
C VAL D 217 -17.30 9.14 -4.61
N ASP D 218 -18.13 10.16 -4.45
CA ASP D 218 -18.36 10.82 -3.17
C ASP D 218 -19.78 10.47 -2.74
N LYS D 219 -19.91 9.73 -1.65
CA LYS D 219 -21.19 9.24 -1.17
C LYS D 219 -21.52 9.90 0.15
N ARG D 220 -22.61 10.66 0.19
CA ARG D 220 -23.08 11.23 1.43
C ARG D 220 -23.75 10.16 2.27
N VAL D 221 -23.45 10.16 3.56
CA VAL D 221 -23.97 9.17 4.50
C VAL D 221 -24.84 9.91 5.51
N GLU D 222 -26.14 9.66 5.45
CA GLU D 222 -27.10 10.41 6.25
C GLU D 222 -27.85 9.47 7.20
N PRO D 223 -28.36 9.99 8.32
CA PRO D 223 -29.22 9.17 9.18
C PRO D 223 -30.47 8.73 8.43
N LYS D 224 -31.03 7.61 8.86
CA LYS D 224 -32.21 7.06 8.20
C LYS D 224 -33.39 8.01 8.35
N SER D 225 -34.17 8.15 7.28
CA SER D 225 -35.42 8.89 7.32
C SER D 225 -36.51 7.96 7.84
N CYS D 226 -36.71 7.98 9.15
CA CYS D 226 -37.71 7.12 9.79
C CYS D 226 -39.06 7.84 9.88
C1 NAG E . -9.51 -3.92 -32.26
C2 NAG E . -8.61 -4.68 -33.25
C3 NAG E . -9.23 -6.03 -33.61
C4 NAG E . -9.58 -6.82 -32.37
C5 NAG E . -10.47 -5.97 -31.46
C6 NAG E . -10.81 -6.65 -30.15
C7 NAG E . -7.21 -3.30 -34.73
C8 NAG E . -7.17 -2.51 -36.00
N2 NAG E . -8.38 -3.89 -34.44
O3 NAG E . -8.29 -6.77 -34.40
O4 NAG E . -10.28 -8.02 -32.74
O5 NAG E . -9.79 -4.76 -31.13
O6 NAG E . -9.74 -6.54 -29.21
O7 NAG E . -6.24 -3.39 -33.99
H2 NAG E . -7.75 -4.85 -32.81
H3 NAG E . -10.03 -5.88 -34.13
H4 NAG E . -8.77 -7.06 -31.88
H5 NAG E . -11.30 -5.76 -31.92
H61 NAG E . -10.98 -7.59 -30.31
H62 NAG E . -11.61 -6.24 -29.77
H81 NAG E . -6.29 -2.10 -36.10
H82 NAG E . -7.85 -1.81 -35.97
H83 NAG E . -7.34 -3.11 -36.75
HN2 NAG E . -9.07 -3.78 -35.03
HO3 NAG E . -8.21 -7.59 -34.06
HO6 NAG E . -9.35 -5.74 -29.31
C1 NAG E . -9.60 -9.15 -32.14
C2 NAG E . -10.57 -10.33 -32.14
C3 NAG E . -9.90 -11.55 -31.51
C4 NAG E . -8.56 -11.84 -32.19
C5 NAG E . -7.70 -10.59 -32.29
C6 NAG E . -6.46 -10.78 -33.14
C7 NAG E . -12.86 -9.48 -32.04
C8 NAG E . -14.05 -9.21 -31.15
N2 NAG E . -11.79 -10.00 -31.43
O3 NAG E . -10.76 -12.67 -31.64
O4 NAG E . -7.85 -12.81 -31.42
O5 NAG E . -8.43 -9.49 -32.87
O6 NAG E . -6.58 -10.10 -34.38
O7 NAG E . -12.88 -9.24 -33.23
H2 NAG E . -10.79 -10.54 -33.06
H3 NAG E . -9.73 -11.36 -30.57
H4 NAG E . -8.73 -12.17 -33.09
H5 NAG E . -7.43 -10.33 -31.39
H61 NAG E . -6.34 -11.74 -33.31
H62 NAG E . -5.68 -10.45 -32.67
H81 NAG E . -14.77 -8.83 -31.68
H82 NAG E . -13.79 -8.57 -30.45
H83 NAG E . -14.34 -10.03 -30.74
HN2 NAG E . -11.83 -10.17 -30.54
HO3 NAG E . -10.35 -13.39 -31.33
HO6 NAG E . -7.33 -9.63 -34.39
C1 BMA E . -7.83 -14.09 -32.07
C2 BMA E . -6.35 -14.56 -32.05
C3 BMA E . -6.24 -16.03 -32.49
C4 BMA E . -7.26 -16.92 -31.76
C5 BMA E . -8.67 -16.34 -31.94
C6 BMA E . -9.73 -17.16 -31.22
O2 BMA E . -5.82 -14.50 -30.74
O3 BMA E . -4.93 -16.53 -32.29
O4 BMA E . -7.20 -18.24 -32.27
O5 BMA E . -8.69 -15.01 -31.40
O6 BMA E . -9.76 -16.76 -29.86
H2 BMA E . -5.78 -13.93 -32.75
H3 BMA E . -6.45 -16.11 -33.57
H4 BMA E . -7.02 -16.89 -30.68
H5 BMA E . -8.92 -16.32 -33.01
H61 BMA E . -9.49 -18.22 -31.33
H62 BMA E . -10.70 -16.97 -31.72
HO2 BMA E . -5.14 -15.18 -30.68
HO3 BMA E . -4.95 -17.46 -32.59
HO4 BMA E . -7.26 -18.82 -31.49
HO6 BMA E . -9.43 -15.86 -29.80
C1 NAG F . 16.14 -22.43 -19.07
C2 NAG F . 15.55 -22.94 -20.39
C3 NAG F . 16.23 -22.29 -21.60
C4 NAG F . 16.31 -20.78 -21.45
C5 NAG F . 16.94 -20.42 -20.11
C6 NAG F . 17.01 -18.94 -19.85
C7 NAG F . 14.66 -25.23 -20.25
C8 NAG F . 14.99 -26.69 -20.37
N2 NAG F . 15.68 -24.39 -20.47
O3 NAG F . 15.52 -22.62 -22.78
O4 NAG F . 17.11 -20.24 -22.50
O5 NAG F . 16.15 -20.99 -19.07
O6 NAG F . 15.72 -18.38 -19.65
O7 NAG F . 13.53 -24.84 -19.96
H2 NAG F . 14.60 -22.68 -20.42
H3 NAG F . 17.14 -22.63 -21.66
H4 NAG F . 15.40 -20.39 -21.51
H5 NAG F . 17.84 -20.78 -20.08
H61 NAG F . 17.43 -18.50 -20.61
H62 NAG F . 17.55 -18.78 -19.05
H81 NAG F . 14.17 -27.21 -20.26
H82 NAG F . 15.62 -26.94 -19.68
H83 NAG F . 15.37 -26.86 -21.25
HN2 NAG F . 16.48 -24.74 -20.68
HO3 NAG F . 15.80 -22.12 -23.45
HO6 NAG F . 15.21 -18.96 -19.22
C1 NAG F . 16.47 -19.15 -23.21
C2 NAG F . 17.58 -18.40 -23.95
C3 NAG F . 16.99 -17.26 -24.78
C4 NAG F . 15.93 -17.81 -25.72
C5 NAG F . 14.86 -18.54 -24.93
C6 NAG F . 13.80 -19.19 -25.79
C7 NAG F . 19.76 -18.50 -22.84
C8 NAG F . 20.66 -17.83 -21.84
N2 NAG F . 18.58 -17.91 -23.02
O3 NAG F . 18.03 -16.63 -25.52
O4 NAG F . 15.33 -16.74 -26.46
O5 NAG F . 15.47 -19.59 -24.15
O6 NAG F . 14.19 -20.48 -26.21
O7 NAG F . 20.08 -19.50 -23.44
H2 NAG F . 18.01 -19.03 -24.56
H3 NAG F . 16.58 -16.61 -24.18
H4 NAG F . 16.34 -18.43 -26.36
H5 NAG F . 14.43 -17.92 -24.31
H61 NAG F . 13.67 -18.62 -26.58
H62 NAG F . 12.97 -19.24 -25.29
H81 NAG F . 21.49 -18.34 -21.77
H82 NAG F . 20.23 -17.81 -20.97
H83 NAG F . 20.88 -16.92 -22.13
HN2 NAG F . 18.38 -17.14 -22.55
HO3 NAG F . 17.67 -16.18 -26.20
HO4 NAG F . 15.35 -16.95 -27.33
HO6 NAG F . 14.91 -20.74 -25.75
C1 EDO G . 17.30 7.63 0.53
O1 EDO G . 17.10 8.37 1.74
C2 EDO G . 16.64 8.33 -0.64
O2 EDO G . 15.33 8.78 -0.25
H11 EDO G . 16.89 6.63 0.65
H12 EDO G . 18.37 7.53 0.35
HO1 EDO G . 17.88 8.34 2.29
H21 EDO G . 16.55 7.65 -1.49
H22 EDO G . 17.25 9.18 -0.95
HO2 EDO G . 14.70 8.58 -0.94
C1 EDO H . -11.98 22.14 -7.67
O1 EDO H . -11.90 21.03 -6.77
C2 EDO H . -12.94 23.19 -7.12
O2 EDO H . -12.51 23.58 -5.81
H11 EDO H . -12.33 21.80 -8.64
H12 EDO H . -10.99 22.58 -7.80
HO1 EDO H . -11.12 20.50 -6.97
H21 EDO H . -13.95 22.78 -7.08
H22 EDO H . -12.95 24.06 -7.78
HO2 EDO H . -12.91 24.43 -5.59
C1 EDO I . 7.68 1.89 0.16
O1 EDO I . 7.74 0.78 -0.75
C2 EDO I . 8.31 3.10 -0.52
O2 EDO I . 7.52 3.50 -1.63
H11 EDO I . 8.23 1.64 1.07
H12 EDO I . 6.64 2.10 0.42
HO1 EDO I . 8.52 0.86 -1.30
H21 EDO I . 9.32 2.85 -0.84
H22 EDO I . 8.38 3.93 0.21
HO2 EDO I . 8.10 3.84 -2.33
C1 EDO J . 8.44 15.20 -17.10
O1 EDO J . 8.04 13.83 -17.04
C2 EDO J . 7.34 16.09 -16.55
O2 EDO J . 7.21 15.88 -15.14
H11 EDO J . 8.66 15.48 -18.14
H12 EDO J . 9.36 15.34 -16.52
HO1 EDO J . 8.74 13.26 -17.38
H21 EDO J . 6.39 15.86 -17.04
H22 EDO J . 7.58 17.13 -16.75
HO2 EDO J . 6.53 16.48 -14.78
C1 EDO K . 4.27 -13.68 3.11
O1 EDO K . 5.11 -12.89 2.25
C2 EDO K . 2.85 -13.67 2.56
O2 EDO K . 2.46 -12.34 2.21
H11 EDO K . 4.28 -13.28 4.12
H12 EDO K . 4.65 -14.70 3.15
HO1 EDO K . 5.84 -13.42 1.94
H21 EDO K . 2.17 -14.07 3.30
H22 EDO K . 2.80 -14.32 1.67
HO2 EDO K . 1.72 -12.37 1.60
C1 EDO L . 14.94 2.88 -32.06
O1 EDO L . 15.87 3.14 -30.99
C2 EDO L . 13.58 2.56 -31.45
O2 EDO L . 13.70 1.42 -30.60
H11 EDO L . 15.29 2.03 -32.66
H12 EDO L . 14.87 3.75 -32.71
HO1 EDO L . 16.21 4.04 -31.08
H21 EDO L . 12.86 2.37 -32.24
H22 EDO L . 13.24 3.42 -30.87
HO2 EDO L . 12.92 1.36 -30.02
C1 EDO M . 8.81 -5.54 8.58
O1 EDO M . 8.44 -6.90 8.78
C2 EDO M . 7.67 -4.78 7.90
O2 EDO M . 6.70 -4.39 8.88
H11 EDO M . 9.71 -5.48 7.95
H12 EDO M . 9.04 -5.07 9.53
HO1 EDO M . 9.17 -7.38 9.17
H21 EDO M . 7.20 -5.42 7.15
H22 EDO M . 8.06 -3.90 7.39
HO2 EDO M . 6.00 -3.87 8.44
C1 EDO N . 11.33 -17.08 17.11
O1 EDO N . 10.48 -17.29 18.24
C2 EDO N . 10.52 -17.24 15.82
O2 EDO N . 9.88 -16.01 15.50
H11 EDO N . 12.15 -17.81 17.12
H12 EDO N . 11.77 -16.08 17.15
HO1 EDO N . 11.01 -17.58 18.99
H21 EDO N . 9.77 -18.02 15.96
H22 EDO N . 11.17 -17.55 15.01
HO2 EDO N . 9.21 -16.16 14.83
C1 EDO O . -32.43 -17.93 6.19
O1 EDO O . -31.76 -18.82 7.10
C2 EDO O . -31.40 -17.12 5.41
O2 EDO O . -30.48 -18.00 4.76
H11 EDO O . -33.09 -17.26 6.75
H12 EDO O . -33.05 -18.50 5.49
HO1 EDO O . -32.36 -19.08 7.79
H21 EDO O . -30.86 -16.45 6.08
H22 EDO O . -31.91 -16.50 4.66
HO2 EDO O . -29.66 -17.53 4.57
C1 EDO P . -26.15 -12.15 -3.76
O1 EDO P . -26.85 -13.21 -3.12
C2 EDO P . -26.97 -11.61 -4.92
O2 EDO P . -28.17 -11.00 -4.42
H11 EDO P . -25.19 -12.52 -4.14
H12 EDO P . -25.94 -11.35 -3.05
HO1 EDO P . -26.31 -13.57 -2.40
H21 EDO P . -27.24 -12.43 -5.60
H22 EDO P . -26.38 -10.88 -5.48
HO2 EDO P . -28.70 -10.67 -5.16
C1 EDO Q . -20.63 -18.09 10.73
O1 EDO Q . -21.33 -19.07 9.96
C2 EDO Q . -21.24 -16.73 10.42
O2 EDO Q . -22.67 -16.83 10.57
H11 EDO Q . -19.57 -18.08 10.48
H12 EDO Q . -20.72 -18.30 11.80
HO1 EDO Q . -22.03 -19.45 10.50
H21 EDO Q . -21.01 -16.44 9.39
H22 EDO Q . -20.85 -15.97 11.08
HO2 EDO Q . -23.10 -16.20 9.99
C1 EDO R . 6.59 -30.23 4.67
O1 EDO R . 7.90 -29.87 5.11
C2 EDO R . 5.75 -28.96 4.59
O2 EDO R . 6.19 -28.20 3.47
H11 EDO R . 6.14 -30.95 5.35
H12 EDO R . 6.65 -30.70 3.68
HO1 EDO R . 8.51 -30.60 4.97
H21 EDO R . 5.86 -28.39 5.51
H22 EDO R . 4.70 -29.22 4.48
HO2 EDO R . 6.40 -27.29 3.76
C1 EDO S . 3.62 -12.02 -1.19
O1 EDO S . 3.36 -10.68 -1.63
C2 EDO S . 2.35 -12.85 -1.29
O2 EDO S . 1.34 -12.31 -0.43
H11 EDO S . 3.97 -12.01 -0.15
H12 EDO S . 4.41 -12.47 -1.80
HO1 EDO S . 4.20 -10.19 -1.70
H21 EDO S . 2.55 -13.88 -1.02
H22 EDO S . 1.99 -12.84 -2.33
HO2 EDO S . 0.54 -12.83 -0.51
C1 EDO T . -17.66 -5.74 3.09
O1 EDO T . -17.99 -5.43 4.45
C2 EDO T . -16.85 -7.03 3.02
O2 EDO T . -15.76 -6.96 3.94
H11 EDO T . -17.08 -4.92 2.66
H12 EDO T . -18.57 -5.84 2.50
HO1 EDO T . -18.87 -5.03 4.48
H21 EDO T . -16.47 -7.18 2.01
H22 EDO T . -17.49 -7.88 3.27
HO2 EDO T . -14.97 -7.36 3.53
C1 EDO U . -7.25 -3.08 0.62
O1 EDO U . -7.94 -4.30 0.32
C2 EDO U . -7.89 -1.96 -0.20
O2 EDO U . -7.59 -2.17 -1.58
H11 EDO U . -6.19 -3.17 0.36
H12 EDO U . -7.32 -2.86 1.68
HO1 EDO U . -7.30 -5.00 0.16
H21 EDO U . -7.49 -1.00 0.13
H22 EDO U . -8.97 -1.95 -0.04
HO2 EDO U . -8.41 -2.14 -2.09
C1 EDO V . -6.57 -23.81 1.19
O1 EDO V . -5.80 -23.14 0.19
C2 EDO V . -5.76 -23.76 2.48
O2 EDO V . -5.78 -22.41 2.95
H11 EDO V . -6.77 -24.84 0.90
H12 EDO V . -7.53 -23.31 1.33
HO1 EDO V . -6.13 -22.24 0.08
H21 EDO V . -4.73 -24.08 2.28
H22 EDO V . -6.18 -24.43 3.22
HO2 EDO V . -5.19 -22.33 3.72
#